data_1O7G
#
_entry.id   1O7G
#
_cell.length_a   139.670
_cell.length_b   139.670
_cell.length_c   208.109
_cell.angle_alpha   90.00
_cell.angle_beta   90.00
_cell.angle_gamma   120.00
#
_symmetry.space_group_name_H-M   'H 3 2'
#
loop_
_entity.id
_entity.type
_entity.pdbx_description
1 polymer 'NAPHTHALENE 1,2-DIOXYGENASE ALPHA SUBUNIT'
2 polymer 'NAPHTHALENE 1,2-DIOXYGENASE BETA SUBUNIT'
3 non-polymer 1,2-ETHANEDIOL
4 non-polymer NAPHTHALENE
5 non-polymer 'SULFATE ION'
6 non-polymer 'FE2/S2 (INORGANIC) CLUSTER'
7 non-polymer 'FE (III) ION'
8 water water
#
loop_
_entity_poly.entity_id
_entity_poly.type
_entity_poly.pdbx_seq_one_letter_code
_entity_poly.pdbx_strand_id
1 'polypeptide(L)'
;MNYNNKILVSESGLSQKHLIHGDEELFQHELKTIFARNWLFLTHDSLIPAPGDYVTAKMGIDEVIVSRQNDGSIRAFLNV
CRHRGKTLVSVEAGNAKGFVCSYHGWGFGSNGELQSVPFEKDLYGESLNKKCLGLKEVARVESFHGFIYGCFDQEAPPLM
DYLGDAAWYLEPMFKHSGGLELVGPPGKVVIKANWKAPAENFVGDAYHVGWTHASSLRSGESIFSSLAGNAALPPEGAGL
QMTSKYGSGMGVLWDGYSGVHSADLVPELMAFGGAKQERLNKEIGDVRARIYRSHLNCTVFPNNSMLTCSGVFKVWNPID
ANTTEVWTYAIVEKDMPEDLKRRLADSVQRTFGPAGFWESDDNDNMETASQNGKKYQSRDSDLLSNLGFGEDVYGDAVYP
GVVGKSAIGETSYRGFYRAYQAHVSSSNWAEFEHASSTWHTELTKTTDR
;
A
2 'polypeptide(L)'
;MMINIQEDKLVSAHDAEEILRFFNCHDSALQQEATTLLTQEAHLLDIQAYRAWLEHCVGSEVQYQVISRELRAASERRYK
LNEAMNVYNENFQQLKVRVEHQLDPQNWGNSPKLRFTRFITNVQAAMDVNDKELLHIRSNVILHRARRGNQVDVFYAARE
DKWKRGEGGVRKLVQRFVDYPERILQTHNLMVFL
;
B
#
loop_
_chem_comp.id
_chem_comp.type
_chem_comp.name
_chem_comp.formula
EDO non-polymer 1,2-ETHANEDIOL 'C2 H6 O2'
FE non-polymer 'FE (III) ION' 'Fe 3'
FES non-polymer 'FE2/S2 (INORGANIC) CLUSTER' 'Fe2 S2'
NPY non-polymer NAPHTHALENE 'C10 H8'
SO4 non-polymer 'SULFATE ION' 'O4 S -2'
#
# COMPACT_ATOMS: atom_id res chain seq x y z
N MET A 1 -6.88 -21.14 24.34
CA MET A 1 -7.29 -19.88 24.98
C MET A 1 -8.81 -19.71 24.88
N ASN A 2 -9.48 -19.40 25.99
CA ASN A 2 -10.92 -19.10 25.97
C ASN A 2 -11.18 -17.66 25.61
N TYR A 3 -11.58 -17.36 24.36
CA TYR A 3 -11.68 -15.93 24.04
C TYR A 3 -12.92 -15.28 24.62
N ASN A 4 -13.83 -16.03 25.28
CA ASN A 4 -14.96 -15.40 25.94
C ASN A 4 -14.54 -14.61 27.17
N ASN A 5 -13.56 -15.19 27.86
CA ASN A 5 -13.11 -14.69 29.13
C ASN A 5 -11.72 -14.08 29.14
N LYS A 6 -10.85 -14.46 28.21
CA LYS A 6 -9.48 -13.93 28.23
C LYS A 6 -9.48 -12.43 28.03
N ILE A 7 -8.87 -11.74 28.96
CA ILE A 7 -8.73 -10.28 28.81
C ILE A 7 -7.50 -10.00 27.95
N LEU A 8 -7.70 -9.82 26.65
CA LEU A 8 -6.60 -9.46 25.75
C LEU A 8 -6.40 -7.95 25.72
N VAL A 9 -7.50 -7.22 25.89
CA VAL A 9 -7.46 -5.76 25.91
C VAL A 9 -8.13 -5.34 27.21
N SER A 10 -7.43 -4.54 28.00
CA SER A 10 -7.93 -4.12 29.30
C SER A 10 -9.05 -3.06 29.15
N GLU A 11 -9.71 -2.80 30.28
CA GLU A 11 -10.84 -1.88 30.29
C GLU A 11 -10.40 -0.55 29.72
N SER A 12 -11.26 0.07 28.91
CA SER A 12 -11.01 1.35 28.25
C SER A 12 -9.95 1.31 27.17
N GLY A 13 -9.52 0.12 26.79
CA GLY A 13 -8.50 -0.01 25.75
C GLY A 13 -7.13 0.42 26.20
N LEU A 14 -6.89 0.45 27.51
CA LEU A 14 -5.69 1.08 28.07
C LEU A 14 -4.40 0.32 27.79
N SER A 15 -4.57 -0.97 27.55
CA SER A 15 -3.42 -1.82 27.28
C SER A 15 -3.86 -3.06 26.56
N GLN A 16 -2.90 -3.75 25.90
CA GLN A 16 -3.22 -5.00 25.20
C GLN A 16 -2.10 -5.99 25.51
N LYS A 17 -2.44 -7.26 25.61
CA LYS A 17 -1.41 -8.26 25.79
C LYS A 17 -0.57 -8.38 24.53
N HIS A 18 0.76 -8.43 24.70
CA HIS A 18 1.70 -8.41 23.59
C HIS A 18 1.47 -9.63 22.68
N LEU A 19 0.99 -10.73 23.25
CA LEU A 19 0.76 -11.92 22.46
C LEU A 19 -0.19 -11.68 21.30
N ILE A 20 -1.03 -10.66 21.38
CA ILE A 20 -1.95 -10.50 20.27
C ILE A 20 -1.25 -10.29 18.94
N HIS A 21 0.00 -9.82 18.94
CA HIS A 21 0.75 -9.65 17.70
C HIS A 21 1.54 -10.88 17.26
N GLY A 22 1.51 -11.94 18.07
CA GLY A 22 2.28 -13.14 17.76
C GLY A 22 1.52 -14.46 17.79
N ASP A 23 0.36 -14.54 18.44
CA ASP A 23 -0.24 -15.84 18.71
C ASP A 23 -0.96 -16.40 17.49
N GLU A 24 -0.49 -17.55 16.95
CA GLU A 24 -1.11 -18.12 15.76
C GLU A 24 -2.56 -18.63 16.00
N GLU A 25 -2.84 -19.19 17.17
CA GLU A 25 -4.23 -19.60 17.47
C GLU A 25 -5.16 -18.39 17.42
N LEU A 26 -4.69 -17.25 17.93
CA LEU A 26 -5.50 -16.02 17.90
C LEU A 26 -5.71 -15.55 16.46
N PHE A 27 -4.67 -15.63 15.66
CA PHE A 27 -4.76 -15.29 14.28
C PHE A 27 -5.85 -16.10 13.63
N GLN A 28 -5.85 -17.41 13.84
CA GLN A 28 -6.92 -18.24 13.27
C GLN A 28 -8.30 -17.77 13.75
N HIS A 29 -8.38 -17.45 15.03
CA HIS A 29 -9.62 -16.93 15.62
C HIS A 29 -10.02 -15.61 15.01
N GLU A 30 -9.07 -14.74 14.64
CA GLU A 30 -9.38 -13.46 13.98
C GLU A 30 -9.92 -13.67 12.58
N LEU A 31 -9.52 -14.74 11.92
CA LEU A 31 -10.09 -15.01 10.59
C LEU A 31 -11.62 -15.09 10.73
N LYS A 32 -12.07 -15.73 11.77
CA LYS A 32 -13.49 -15.90 12.05
C LYS A 32 -14.16 -14.63 12.57
N THR A 33 -13.55 -14.04 13.59
CA THR A 33 -14.27 -12.99 14.35
C THR A 33 -13.96 -11.59 13.92
N ILE A 34 -12.90 -11.41 13.15
CA ILE A 34 -12.56 -10.10 12.56
C ILE A 34 -12.78 -10.09 11.05
N PHE A 35 -12.06 -10.97 10.32
CA PHE A 35 -12.09 -10.90 8.88
C PHE A 35 -13.34 -11.45 8.22
N ALA A 36 -13.99 -12.44 8.80
CA ALA A 36 -15.19 -12.99 8.20
C ALA A 36 -16.45 -12.20 8.63
N ARG A 37 -16.28 -11.26 9.55
CA ARG A 37 -17.38 -10.50 10.18
C ARG A 37 -17.50 -9.04 9.77
N ASN A 38 -16.38 -8.45 9.40
CA ASN A 38 -16.31 -7.02 9.22
C ASN A 38 -16.14 -6.62 7.75
N TRP A 39 -16.14 -5.31 7.48
CA TRP A 39 -16.06 -4.79 6.14
C TRP A 39 -14.60 -4.62 5.72
N LEU A 40 -14.28 -5.11 4.53
CA LEU A 40 -12.90 -5.15 4.02
C LEU A 40 -12.81 -4.51 2.65
N PHE A 41 -11.75 -3.72 2.47
CA PHE A 41 -11.60 -2.98 1.23
C PHE A 41 -11.33 -3.91 0.02
N LEU A 42 -12.04 -3.71 -1.08
CA LEU A 42 -11.88 -4.47 -2.29
C LEU A 42 -11.25 -3.72 -3.44
N THR A 43 -11.86 -2.60 -3.83
CA THR A 43 -11.37 -1.89 -4.97
C THR A 43 -12.10 -0.57 -5.04
N HIS A 44 -11.83 0.15 -6.12
CA HIS A 44 -12.50 1.42 -6.38
C HIS A 44 -13.18 1.35 -7.76
N ASP A 45 -14.29 2.09 -7.89
CA ASP A 45 -14.92 2.22 -9.17
C ASP A 45 -13.98 2.49 -10.32
N SER A 46 -12.97 3.34 -10.09
CA SER A 46 -12.02 3.80 -11.10
C SER A 46 -11.17 2.66 -11.66
N LEU A 47 -11.11 1.55 -10.92
CA LEU A 47 -10.33 0.38 -11.31
C LEU A 47 -11.18 -0.66 -12.08
N ILE A 48 -12.50 -0.65 -11.91
CA ILE A 48 -13.40 -1.53 -12.65
C ILE A 48 -14.58 -0.75 -13.18
N PRO A 49 -14.32 0.25 -13.99
CA PRO A 49 -15.42 1.13 -14.40
C PRO A 49 -16.41 0.59 -15.41
N ALA A 50 -15.99 -0.34 -16.24
CA ALA A 50 -16.84 -0.82 -17.33
C ALA A 50 -17.33 -2.22 -17.10
N PRO A 51 -18.45 -2.57 -17.71
CA PRO A 51 -19.00 -3.91 -17.59
C PRO A 51 -17.96 -4.93 -18.00
N GLY A 52 -17.81 -5.96 -17.17
CA GLY A 52 -16.84 -7.01 -17.43
C GLY A 52 -15.50 -6.77 -16.78
N ASP A 53 -15.23 -5.54 -16.38
CA ASP A 53 -13.95 -5.30 -15.70
C ASP A 53 -13.96 -6.04 -14.37
N TYR A 54 -12.78 -6.58 -13.99
CA TYR A 54 -12.68 -7.29 -12.75
C TYR A 54 -11.32 -7.08 -12.17
N VAL A 55 -11.22 -7.29 -10.85
CA VAL A 55 -9.92 -7.37 -10.20
C VAL A 55 -9.97 -8.49 -9.20
N THR A 56 -8.79 -8.98 -8.75
CA THR A 56 -8.78 -9.86 -7.61
C THR A 56 -8.36 -9.08 -6.40
N ALA A 57 -8.84 -9.51 -5.26
CA ALA A 57 -8.59 -8.88 -3.96
C ALA A 57 -8.51 -9.93 -2.90
N LYS A 58 -7.84 -9.61 -1.81
CA LYS A 58 -7.87 -10.49 -0.66
C LYS A 58 -8.97 -9.98 0.29
N MET A 59 -9.64 -10.89 0.98
CA MET A 59 -10.51 -10.60 2.11
C MET A 59 -10.00 -11.52 3.21
N GLY A 60 -9.24 -11.00 4.15
CA GLY A 60 -8.57 -11.87 5.07
C GLY A 60 -7.56 -12.69 4.27
N ILE A 61 -7.55 -14.02 4.46
CA ILE A 61 -6.65 -14.85 3.71
C ILE A 61 -7.33 -15.42 2.47
N ASP A 62 -8.62 -15.15 2.30
CA ASP A 62 -9.34 -15.60 1.12
C ASP A 62 -9.10 -14.67 -0.05
N GLU A 63 -9.16 -15.19 -1.27
CA GLU A 63 -9.04 -14.38 -2.48
C GLU A 63 -10.40 -14.33 -3.19
N VAL A 64 -10.78 -13.15 -3.62
CA VAL A 64 -12.07 -13.00 -4.30
C VAL A 64 -11.86 -12.31 -5.63
N ILE A 65 -12.78 -12.56 -6.55
CA ILE A 65 -12.91 -11.87 -7.82
C ILE A 65 -14.03 -10.80 -7.65
N VAL A 66 -13.75 -9.57 -8.04
CA VAL A 66 -14.64 -8.44 -7.86
C VAL A 66 -14.96 -7.94 -9.30
N SER A 67 -16.23 -8.01 -9.70
CA SER A 67 -16.58 -7.84 -11.11
C SER A 67 -17.74 -6.88 -11.32
N ARG A 68 -17.53 -5.99 -12.27
CA ARG A 68 -18.57 -5.05 -12.72
C ARG A 68 -19.56 -5.80 -13.62
N GLN A 69 -20.79 -5.82 -13.14
CA GLN A 69 -21.92 -6.47 -13.78
C GLN A 69 -22.48 -5.58 -14.90
N ASN A 70 -23.21 -6.19 -15.83
CA ASN A 70 -23.81 -5.43 -16.92
C ASN A 70 -24.78 -4.34 -16.48
N ASP A 71 -25.45 -4.56 -15.35
CA ASP A 71 -26.40 -3.59 -14.79
C ASP A 71 -25.75 -2.47 -13.98
N GLY A 72 -24.41 -2.49 -13.88
CA GLY A 72 -23.66 -1.43 -13.24
C GLY A 72 -23.28 -1.68 -11.79
N SER A 73 -23.83 -2.75 -11.21
CA SER A 73 -23.50 -3.10 -9.84
C SER A 73 -22.20 -3.89 -9.88
N ILE A 74 -21.71 -4.17 -8.67
CA ILE A 74 -20.51 -4.96 -8.49
C ILE A 74 -20.85 -6.16 -7.65
N ARG A 75 -20.34 -7.33 -8.03
CA ARG A 75 -20.53 -8.52 -7.19
C ARG A 75 -19.14 -9.11 -7.01
N ALA A 76 -18.95 -9.84 -5.92
CA ALA A 76 -17.66 -10.49 -5.63
C ALA A 76 -17.86 -11.92 -5.24
N PHE A 77 -16.93 -12.76 -5.67
CA PHE A 77 -17.02 -14.18 -5.48
C PHE A 77 -15.69 -14.78 -5.07
N LEU A 78 -15.75 -15.85 -4.31
CA LEU A 78 -14.49 -16.54 -3.99
C LEU A 78 -13.80 -16.99 -5.27
N ASN A 79 -12.49 -16.86 -5.35
CA ASN A 79 -11.73 -17.20 -6.52
C ASN A 79 -11.35 -18.70 -6.47
N VAL A 80 -12.39 -19.53 -6.35
CA VAL A 80 -12.21 -20.96 -6.17
C VAL A 80 -13.28 -21.69 -6.99
N CYS A 81 -12.81 -22.57 -7.86
CA CYS A 81 -13.74 -23.36 -8.68
C CYS A 81 -14.60 -24.30 -7.84
N ARG A 82 -15.87 -24.44 -8.22
CA ARG A 82 -16.84 -25.21 -7.44
C ARG A 82 -16.73 -26.69 -7.71
N HIS A 83 -15.90 -27.07 -8.65
CA HIS A 83 -15.69 -28.49 -8.98
C HIS A 83 -14.66 -29.12 -8.01
N ARG A 84 -13.36 -28.97 -8.28
CA ARG A 84 -12.32 -29.55 -7.45
C ARG A 84 -11.44 -28.47 -6.76
N GLY A 85 -11.92 -27.24 -6.77
CA GLY A 85 -11.30 -26.22 -5.92
C GLY A 85 -10.07 -25.47 -6.39
N LYS A 86 -9.72 -25.56 -7.66
CA LYS A 86 -8.61 -24.85 -8.23
C LYS A 86 -8.88 -23.33 -8.13
N THR A 87 -7.83 -22.52 -8.04
CA THR A 87 -8.03 -21.09 -8.12
C THR A 87 -8.45 -20.74 -9.55
N LEU A 88 -9.50 -19.96 -9.68
CA LEU A 88 -10.08 -19.75 -11.02
C LEU A 88 -9.32 -18.73 -11.87
N VAL A 89 -9.00 -17.59 -11.27
CA VAL A 89 -8.38 -16.47 -11.93
C VAL A 89 -6.94 -16.24 -11.38
N SER A 90 -5.97 -16.24 -12.28
CA SER A 90 -4.56 -16.09 -11.93
C SER A 90 -3.97 -14.73 -12.22
N VAL A 91 -4.78 -13.81 -12.71
CA VAL A 91 -4.29 -12.45 -12.96
C VAL A 91 -4.91 -11.50 -11.95
N GLU A 92 -4.48 -10.23 -11.93
CA GLU A 92 -4.87 -9.27 -10.93
C GLU A 92 -6.02 -8.37 -11.41
N ALA A 93 -6.08 -8.19 -12.74
CA ALA A 93 -7.08 -7.34 -13.33
C ALA A 93 -7.32 -7.72 -14.77
N GLY A 94 -8.48 -7.37 -15.27
CA GLY A 94 -8.80 -7.62 -16.67
C GLY A 94 -10.24 -7.27 -17.02
N ASN A 95 -10.65 -7.65 -18.22
CA ASN A 95 -12.03 -7.53 -18.65
C ASN A 95 -12.47 -8.81 -19.32
N ALA A 96 -13.56 -9.36 -18.83
CA ALA A 96 -14.08 -10.61 -19.35
C ALA A 96 -15.55 -10.77 -19.06
N LYS A 97 -16.24 -11.59 -19.85
CA LYS A 97 -17.64 -11.89 -19.58
C LYS A 97 -17.79 -13.14 -18.70
N GLY A 98 -16.67 -13.81 -18.50
CA GLY A 98 -16.68 -15.00 -17.66
C GLY A 98 -15.26 -15.49 -17.42
N PHE A 99 -15.19 -16.54 -16.61
CA PHE A 99 -13.94 -17.15 -16.18
C PHE A 99 -14.08 -18.67 -16.39
N VAL A 100 -13.12 -19.22 -17.13
CA VAL A 100 -13.03 -20.63 -17.38
C VAL A 100 -11.92 -21.26 -16.53
N CYS A 101 -12.25 -22.37 -15.87
CA CYS A 101 -11.28 -23.07 -15.02
C CYS A 101 -10.33 -23.87 -15.89
N SER A 102 -9.02 -23.74 -15.65
CA SER A 102 -8.02 -24.44 -16.43
C SER A 102 -7.85 -25.90 -16.06
N TYR A 103 -8.58 -26.39 -15.07
CA TYR A 103 -8.42 -27.80 -14.69
C TYR A 103 -9.32 -28.64 -15.61
N HIS A 104 -10.64 -28.48 -15.48
CA HIS A 104 -11.59 -29.26 -16.30
C HIS A 104 -12.43 -28.39 -17.20
N GLY A 105 -12.17 -27.09 -17.25
CA GLY A 105 -12.83 -26.21 -18.23
C GLY A 105 -14.20 -25.70 -17.91
N TRP A 106 -14.65 -25.83 -16.68
CA TRP A 106 -15.94 -25.29 -16.26
C TRP A 106 -15.94 -23.80 -16.46
N GLY A 107 -17.05 -23.24 -16.95
CA GLY A 107 -17.08 -21.80 -17.23
C GLY A 107 -18.13 -21.08 -16.46
N PHE A 108 -17.70 -20.02 -15.76
CA PHE A 108 -18.54 -19.27 -14.90
C PHE A 108 -18.71 -17.89 -15.49
N GLY A 109 -19.87 -17.29 -15.31
CA GLY A 109 -20.02 -15.93 -15.79
C GLY A 109 -19.46 -14.92 -14.83
N SER A 110 -19.32 -13.69 -15.29
CA SER A 110 -19.02 -12.53 -14.48
C SER A 110 -20.00 -12.36 -13.31
N ASN A 111 -21.19 -12.96 -13.43
CA ASN A 111 -22.17 -12.99 -12.36
C ASN A 111 -22.10 -14.21 -11.46
N GLY A 112 -21.00 -14.94 -11.54
CA GLY A 112 -20.79 -16.10 -10.68
C GLY A 112 -21.49 -17.38 -11.09
N GLU A 113 -22.37 -17.31 -12.09
CA GLU A 113 -23.15 -18.49 -12.39
C GLU A 113 -22.36 -19.53 -13.16
N LEU A 114 -22.64 -20.79 -12.91
CA LEU A 114 -22.02 -21.86 -13.69
C LEU A 114 -22.75 -21.89 -15.04
N GLN A 115 -22.07 -21.45 -16.08
CA GLN A 115 -22.71 -21.29 -17.39
C GLN A 115 -22.48 -22.45 -18.34
N SER A 116 -21.35 -23.12 -18.22
CA SER A 116 -21.06 -24.24 -19.09
C SER A 116 -20.16 -25.23 -18.44
N VAL A 117 -20.29 -26.45 -18.91
CA VAL A 117 -19.46 -27.52 -18.42
C VAL A 117 -19.10 -28.33 -19.67
N PRO A 118 -17.81 -28.62 -19.92
CA PRO A 118 -17.47 -29.35 -21.15
C PRO A 118 -18.15 -30.70 -21.22
N PHE A 119 -18.74 -30.91 -22.40
CA PHE A 119 -19.42 -32.18 -22.68
C PHE A 119 -20.56 -32.47 -21.69
N GLU A 120 -21.29 -31.44 -21.25
CA GLU A 120 -22.26 -31.62 -20.21
C GLU A 120 -23.27 -32.70 -20.58
N LYS A 121 -23.79 -32.63 -21.78
CA LYS A 121 -24.86 -33.57 -22.13
C LYS A 121 -24.36 -35.00 -22.15
N ASP A 122 -23.19 -35.24 -22.73
CA ASP A 122 -22.66 -36.60 -22.81
C ASP A 122 -22.23 -37.15 -21.44
N LEU A 123 -21.80 -36.26 -20.54
CA LEU A 123 -21.23 -36.68 -19.28
C LEU A 123 -22.20 -36.64 -18.14
N TYR A 124 -22.86 -35.51 -17.96
CA TYR A 124 -23.74 -35.36 -16.82
C TYR A 124 -25.17 -35.56 -17.18
N GLY A 125 -25.45 -35.48 -18.47
CA GLY A 125 -26.81 -35.56 -18.94
C GLY A 125 -27.53 -34.36 -18.38
N GLU A 126 -28.65 -34.63 -17.71
CA GLU A 126 -29.38 -33.57 -17.05
C GLU A 126 -29.15 -33.64 -15.53
N SER A 127 -28.16 -34.42 -15.09
CA SER A 127 -27.97 -34.65 -13.65
C SER A 127 -27.33 -33.48 -12.89
N LEU A 128 -26.64 -32.59 -13.62
CA LEU A 128 -25.93 -31.49 -12.95
C LEU A 128 -26.80 -30.26 -12.66
N ASN A 129 -26.94 -29.94 -11.39
CA ASN A 129 -27.76 -28.81 -11.04
C ASN A 129 -26.89 -27.55 -11.01
N LYS A 130 -26.68 -26.98 -12.19
CA LYS A 130 -25.77 -25.81 -12.35
C LYS A 130 -26.23 -24.60 -11.56
N LYS A 131 -27.52 -24.49 -11.31
CA LYS A 131 -28.00 -23.34 -10.57
C LYS A 131 -27.54 -23.40 -9.12
N CYS A 132 -27.10 -24.55 -8.64
CA CYS A 132 -26.60 -24.61 -7.27
C CYS A 132 -25.09 -24.63 -7.23
N LEU A 133 -24.46 -24.42 -8.36
CA LEU A 133 -23.01 -24.56 -8.44
C LEU A 133 -22.34 -23.27 -8.84
N GLY A 134 -22.99 -22.14 -8.58
CA GLY A 134 -22.36 -20.84 -8.87
C GLY A 134 -21.25 -20.59 -7.84
N LEU A 135 -20.31 -19.71 -8.21
CA LEU A 135 -19.22 -19.36 -7.26
C LEU A 135 -19.76 -18.87 -5.92
N LYS A 136 -19.02 -19.15 -4.85
CA LYS A 136 -19.45 -18.74 -3.53
C LYS A 136 -19.37 -17.23 -3.45
N GLU A 137 -20.53 -16.61 -3.22
CA GLU A 137 -20.63 -15.15 -3.29
C GLU A 137 -20.42 -14.43 -1.98
N VAL A 138 -19.74 -13.27 -2.08
CA VAL A 138 -19.55 -12.41 -0.93
C VAL A 138 -20.89 -11.81 -0.62
N ALA A 139 -21.40 -12.03 0.58
CA ALA A 139 -22.78 -11.66 0.91
C ALA A 139 -23.07 -10.18 0.72
N ARG A 140 -22.16 -9.32 1.11
CA ARG A 140 -22.38 -7.87 1.12
C ARG A 140 -21.29 -7.13 0.39
N VAL A 141 -21.67 -6.23 -0.52
CA VAL A 141 -20.75 -5.40 -1.28
C VAL A 141 -21.40 -4.03 -1.37
N GLU A 142 -20.73 -3.02 -0.85
CA GLU A 142 -21.26 -1.67 -0.74
C GLU A 142 -20.18 -0.64 -1.05
N SER A 143 -20.62 0.55 -1.45
CA SER A 143 -19.72 1.60 -1.86
C SER A 143 -19.77 2.79 -0.94
N PHE A 144 -18.60 3.34 -0.63
CA PHE A 144 -18.49 4.63 0.05
C PHE A 144 -17.84 5.59 -0.90
N HIS A 145 -18.69 6.29 -1.68
CA HIS A 145 -18.17 7.26 -2.67
C HIS A 145 -17.18 6.69 -3.63
N GLY A 146 -17.46 5.48 -4.10
CA GLY A 146 -16.61 4.84 -5.11
C GLY A 146 -15.66 3.81 -4.53
N PHE A 147 -15.46 3.86 -3.24
CA PHE A 147 -14.58 2.88 -2.56
C PHE A 147 -15.46 1.70 -2.19
N ILE A 148 -15.09 0.52 -2.72
CA ILE A 148 -15.93 -0.68 -2.64
C ILE A 148 -15.37 -1.58 -1.57
N TYR A 149 -16.23 -1.93 -0.63
CA TYR A 149 -15.94 -2.82 0.49
C TYR A 149 -16.85 -4.05 0.42
N GLY A 150 -16.35 -5.15 1.00
CA GLY A 150 -17.09 -6.41 1.02
C GLY A 150 -17.16 -6.97 2.42
N CYS A 151 -18.17 -7.80 2.70
CA CYS A 151 -18.31 -8.40 4.02
C CYS A 151 -18.93 -9.77 3.79
N PHE A 152 -18.35 -10.80 4.37
CA PHE A 152 -18.90 -12.15 4.26
C PHE A 152 -20.13 -12.38 5.15
N ASP A 153 -20.39 -11.49 6.09
CA ASP A 153 -21.43 -11.65 7.09
C ASP A 153 -22.66 -10.83 6.71
N GLN A 154 -23.73 -11.50 6.30
CA GLN A 154 -24.97 -10.82 5.98
C GLN A 154 -25.57 -10.01 7.15
N GLU A 155 -25.14 -10.31 8.37
CA GLU A 155 -25.70 -9.61 9.53
C GLU A 155 -25.02 -8.27 9.84
N ALA A 156 -23.95 -7.95 9.12
CA ALA A 156 -23.19 -6.73 9.42
C ALA A 156 -24.01 -5.48 9.24
N PRO A 157 -23.67 -4.41 9.95
CA PRO A 157 -24.31 -3.13 9.66
C PRO A 157 -23.98 -2.64 8.28
N PRO A 158 -24.82 -1.79 7.71
CA PRO A 158 -24.46 -1.15 6.45
C PRO A 158 -23.13 -0.43 6.60
N LEU A 159 -22.37 -0.39 5.52
CA LEU A 159 -21.01 0.21 5.50
C LEU A 159 -21.04 1.65 6.06
N MET A 160 -22.06 2.40 5.69
CA MET A 160 -22.12 3.75 6.20
C MET A 160 -22.27 3.81 7.71
N ASP A 161 -23.16 2.98 8.28
CA ASP A 161 -23.30 2.92 9.71
C ASP A 161 -22.03 2.38 10.40
N TYR A 162 -21.37 1.45 9.72
CA TYR A 162 -20.14 0.86 10.27
C TYR A 162 -19.02 1.87 10.42
N LEU A 163 -18.98 2.82 9.48
CA LEU A 163 -18.01 3.92 9.57
C LEU A 163 -18.26 4.83 10.77
N GLY A 164 -19.51 4.82 11.25
CA GLY A 164 -19.87 5.54 12.43
C GLY A 164 -19.45 7.00 12.32
N ASP A 165 -18.92 7.50 13.39
CA ASP A 165 -18.50 8.91 13.48
C ASP A 165 -17.32 9.26 12.60
N ALA A 166 -16.57 8.25 12.15
CA ALA A 166 -15.47 8.56 11.27
C ALA A 166 -15.96 9.07 9.94
N ALA A 167 -17.17 8.68 9.51
CA ALA A 167 -17.65 9.09 8.19
C ALA A 167 -17.67 10.61 8.04
N TRP A 168 -18.06 11.31 9.11
CA TRP A 168 -18.17 12.78 9.08
C TRP A 168 -16.88 13.47 8.69
N TYR A 169 -15.76 12.86 9.13
CA TYR A 169 -14.44 13.37 8.83
C TYR A 169 -13.97 13.08 7.45
N LEU A 170 -14.35 11.93 6.88
CA LEU A 170 -13.94 11.54 5.53
C LEU A 170 -14.74 12.24 4.45
N GLU A 171 -15.99 12.59 4.78
CA GLU A 171 -16.87 13.11 3.75
C GLU A 171 -16.36 14.35 3.01
N PRO A 172 -15.75 15.33 3.66
CA PRO A 172 -15.25 16.50 2.89
C PRO A 172 -14.36 16.10 1.70
N MET A 173 -13.38 15.23 1.94
CA MET A 173 -12.54 14.72 0.86
C MET A 173 -13.22 13.68 -0.01
N PHE A 174 -14.01 12.76 0.55
CA PHE A 174 -14.54 11.63 -0.23
C PHE A 174 -15.75 11.99 -1.04
N LYS A 175 -16.51 12.95 -0.54
CA LYS A 175 -17.75 13.36 -1.15
C LYS A 175 -17.65 14.79 -1.67
N HIS A 176 -17.39 15.73 -0.78
CA HIS A 176 -17.53 17.14 -1.20
C HIS A 176 -16.46 17.72 -2.11
N SER A 177 -15.35 17.00 -2.30
CA SER A 177 -14.27 17.43 -3.17
C SER A 177 -14.63 17.19 -4.62
N GLY A 178 -15.73 16.48 -4.88
CA GLY A 178 -16.04 16.13 -6.22
C GLY A 178 -15.72 14.65 -6.45
N GLY A 179 -15.06 14.04 -5.48
CA GLY A 179 -14.70 12.65 -5.55
C GLY A 179 -13.25 12.33 -5.82
N LEU A 180 -12.92 11.12 -5.39
CA LEU A 180 -11.58 10.61 -5.46
C LEU A 180 -11.53 9.46 -6.45
N GLU A 181 -10.31 9.27 -6.97
CA GLU A 181 -9.92 8.13 -7.81
C GLU A 181 -8.80 7.39 -7.12
N LEU A 182 -8.79 6.08 -7.26
CA LEU A 182 -7.66 5.31 -6.80
C LEU A 182 -6.81 5.00 -7.98
N VAL A 183 -5.50 5.33 -7.90
CA VAL A 183 -4.61 5.05 -8.98
C VAL A 183 -3.87 3.75 -8.68
N GLY A 184 -4.08 2.77 -9.58
CA GLY A 184 -3.48 1.44 -9.53
C GLY A 184 -2.41 1.38 -10.60
N PRO A 185 -1.71 0.25 -10.67
CA PRO A 185 -1.90 -0.86 -9.76
C PRO A 185 -1.19 -0.54 -8.45
N PRO A 186 -1.51 -1.30 -7.41
CA PRO A 186 -0.88 -1.04 -6.12
C PRO A 186 0.57 -1.64 -6.15
N GLY A 187 1.39 -1.06 -5.31
CA GLY A 187 2.59 -1.77 -4.87
C GLY A 187 2.21 -2.91 -3.93
N LYS A 188 2.99 -3.97 -3.90
CA LYS A 188 2.71 -5.13 -3.08
C LYS A 188 4.02 -5.62 -2.46
N VAL A 189 4.09 -5.66 -1.17
CA VAL A 189 5.28 -6.07 -0.44
C VAL A 189 4.90 -6.83 0.81
N VAL A 190 5.64 -7.89 1.11
CA VAL A 190 5.40 -8.66 2.34
C VAL A 190 6.32 -8.19 3.44
N ILE A 191 5.74 -7.89 4.58
CA ILE A 191 6.49 -7.55 5.78
C ILE A 191 6.28 -8.59 6.87
N LYS A 192 7.28 -8.74 7.74
CA LYS A 192 7.18 -9.71 8.81
C LYS A 192 6.60 -9.13 10.09
N ALA A 193 5.37 -8.61 9.93
CA ALA A 193 4.66 -7.99 11.02
C ALA A 193 3.24 -8.49 11.03
N ASN A 194 2.62 -8.41 12.17
CA ASN A 194 1.22 -8.68 12.32
C ASN A 194 0.45 -7.51 11.69
N TRP A 195 -0.69 -7.82 11.11
CA TRP A 195 -1.49 -6.80 10.42
C TRP A 195 -1.90 -5.65 11.37
N LYS A 196 -2.03 -5.93 12.65
CA LYS A 196 -2.50 -4.91 13.61
C LYS A 196 -1.41 -3.85 13.86
N ALA A 197 -0.13 -4.22 13.68
CA ALA A 197 0.94 -3.26 13.89
C ALA A 197 0.85 -2.04 12.95
N PRO A 198 0.76 -2.21 11.65
CA PRO A 198 0.53 -1.02 10.80
C PRO A 198 -0.86 -0.46 10.97
N ALA A 199 -1.87 -1.31 11.20
CA ALA A 199 -3.26 -0.78 11.41
C ALA A 199 -3.30 0.20 12.60
N GLU A 200 -2.65 -0.14 13.70
CA GLU A 200 -2.70 0.73 14.90
C GLU A 200 -1.86 1.95 14.64
N ASN A 201 -0.77 1.80 13.88
CA ASN A 201 0.14 2.93 13.64
C ASN A 201 -0.57 4.01 12.85
N PHE A 202 -1.32 3.59 11.82
CA PHE A 202 -2.01 4.56 11.00
C PHE A 202 -3.24 5.10 11.67
N VAL A 203 -3.90 4.32 12.52
CA VAL A 203 -5.18 4.80 13.11
C VAL A 203 -4.93 5.90 14.12
N GLY A 204 -3.76 5.92 14.74
CA GLY A 204 -3.65 6.85 15.85
C GLY A 204 -2.30 7.24 16.30
N ASP A 205 -1.27 7.00 15.49
CA ASP A 205 0.05 7.23 15.97
C ASP A 205 0.74 8.46 15.40
N ALA A 206 0.42 9.62 15.94
CA ALA A 206 1.19 10.80 15.57
C ALA A 206 2.47 10.93 16.37
N TYR A 207 2.49 10.34 17.56
CA TYR A 207 3.62 10.42 18.49
C TYR A 207 4.91 9.95 17.78
N HIS A 208 4.84 8.89 16.97
CA HIS A 208 6.07 8.32 16.38
C HIS A 208 6.72 9.16 15.28
N VAL A 209 5.95 10.08 14.68
CA VAL A 209 6.36 10.70 13.45
C VAL A 209 7.69 11.41 13.56
N GLY A 210 7.79 12.32 14.51
CA GLY A 210 9.03 13.08 14.68
C GLY A 210 10.29 12.26 14.95
N TRP A 211 10.13 11.12 15.60
CA TRP A 211 11.31 10.31 15.91
C TRP A 211 11.57 9.21 14.89
N THR A 212 10.57 8.37 14.66
CA THR A 212 10.72 7.33 13.63
C THR A 212 11.12 7.90 12.30
N HIS A 213 10.49 9.02 11.90
CA HIS A 213 10.66 9.55 10.56
C HIS A 213 11.58 10.79 10.52
N ALA A 214 12.36 10.96 11.56
CA ALA A 214 13.32 12.08 11.63
C ALA A 214 14.10 12.28 10.32
N SER A 215 14.64 11.19 9.77
CA SER A 215 15.43 11.27 8.58
C SER A 215 14.60 11.61 7.32
N SER A 216 13.37 11.13 7.23
CA SER A 216 12.55 11.38 6.05
C SER A 216 12.02 12.82 6.06
N LEU A 217 11.68 13.28 7.25
CA LEU A 217 11.25 14.66 7.43
C LEU A 217 12.39 15.61 7.05
N ARG A 218 13.56 15.40 7.64
CA ARG A 218 14.73 16.22 7.33
C ARG A 218 15.09 16.19 5.84
N SER A 219 15.14 15.01 5.26
CA SER A 219 15.57 14.86 3.87
C SER A 219 14.59 15.31 2.83
N GLY A 220 13.30 15.09 3.06
CA GLY A 220 12.26 15.45 2.07
C GLY A 220 11.86 16.93 2.11
N GLU A 221 12.00 17.56 3.26
CA GLU A 221 11.59 18.98 3.35
C GLU A 221 10.08 19.17 3.12
N SER A 222 9.30 18.16 3.51
CA SER A 222 7.85 18.23 3.44
C SER A 222 7.22 19.22 4.48
N ILE A 223 5.91 19.49 4.40
CA ILE A 223 5.27 20.44 5.37
C ILE A 223 5.33 20.06 6.85
N PHE A 224 5.33 18.78 7.17
CA PHE A 224 5.38 18.38 8.58
C PHE A 224 6.80 18.36 9.07
N SER A 225 7.69 19.03 8.36
CA SER A 225 9.11 18.92 8.65
C SER A 225 9.69 19.88 9.66
N SER A 226 9.21 19.86 10.87
CA SER A 226 9.81 20.74 11.86
C SER A 226 10.10 19.83 13.00
N LEU A 227 9.38 18.74 12.92
CA LEU A 227 9.26 17.75 13.96
C LEU A 227 10.42 16.83 13.88
N ALA A 228 11.18 16.93 12.82
CA ALA A 228 12.34 16.04 12.68
C ALA A 228 13.15 15.95 13.96
N GLY A 229 13.28 14.74 14.48
CA GLY A 229 14.08 14.47 15.64
C GLY A 229 13.43 15.00 16.90
N ASN A 230 12.12 15.24 16.83
CA ASN A 230 11.36 15.82 17.92
C ASN A 230 11.96 17.15 18.25
N ALA A 231 12.26 17.90 17.23
CA ALA A 231 12.86 19.21 17.42
C ALA A 231 11.78 20.15 17.93
N ALA A 232 10.54 19.86 17.55
CA ALA A 232 9.43 20.71 17.95
C ALA A 232 8.07 20.00 18.05
N LEU A 233 7.40 20.22 19.17
CA LEU A 233 6.06 19.69 19.36
C LEU A 233 5.11 20.64 18.67
N PRO A 234 4.20 20.14 17.85
CA PRO A 234 3.22 21.02 17.22
C PRO A 234 2.48 21.88 18.25
N PRO A 235 1.98 23.01 17.79
CA PRO A 235 1.18 23.87 18.65
C PRO A 235 0.02 23.14 19.28
N GLU A 236 -0.48 23.73 20.37
CA GLU A 236 -1.74 23.32 20.92
C GLU A 236 -2.72 23.64 19.77
N GLY A 237 -3.72 22.79 19.60
CA GLY A 237 -4.72 23.01 18.57
C GLY A 237 -4.26 22.67 17.17
N ALA A 238 -3.13 21.96 17.04
CA ALA A 238 -2.64 21.60 15.70
C ALA A 238 -3.46 20.43 15.09
N GLY A 239 -4.30 19.81 15.91
CA GLY A 239 -5.21 18.77 15.45
C GLY A 239 -5.93 18.03 16.52
N LEU A 240 -6.45 16.88 16.16
CA LEU A 240 -7.16 16.11 17.13
C LEU A 240 -7.17 14.65 16.76
N GLN A 241 -7.80 13.85 17.60
CA GLN A 241 -7.86 12.42 17.35
C GLN A 241 -9.28 11.99 17.55
N MET A 242 -9.75 10.99 16.82
CA MET A 242 -11.10 10.51 17.05
C MET A 242 -11.21 8.98 16.85
N THR A 243 -12.22 8.40 17.46
CA THR A 243 -12.49 6.99 17.30
C THR A 243 -14.00 6.79 17.34
N SER A 244 -14.44 5.58 17.03
CA SER A 244 -15.83 5.30 16.76
C SER A 244 -16.20 3.93 17.30
N LYS A 245 -17.48 3.63 17.26
CA LYS A 245 -18.01 2.44 17.86
C LYS A 245 -17.46 1.16 17.24
N TYR A 246 -17.37 1.13 15.93
CA TYR A 246 -17.00 -0.09 15.24
C TYR A 246 -15.49 -0.14 14.99
N GLY A 247 -14.73 0.79 15.58
CA GLY A 247 -13.26 0.64 15.66
C GLY A 247 -12.46 1.57 14.78
N SER A 248 -13.11 2.17 13.77
CA SER A 248 -12.43 3.05 12.85
C SER A 248 -12.11 4.34 13.57
N GLY A 249 -10.99 4.91 13.18
CA GLY A 249 -10.49 6.10 13.83
C GLY A 249 -9.51 6.84 13.03
N MET A 250 -9.16 8.06 13.46
CA MET A 250 -8.21 8.84 12.72
C MET A 250 -7.65 9.98 13.51
N GLY A 251 -6.47 10.42 13.07
CA GLY A 251 -5.88 11.67 13.47
C GLY A 251 -6.14 12.72 12.43
N VAL A 252 -6.22 13.99 12.90
CA VAL A 252 -6.44 15.16 12.08
C VAL A 252 -5.32 16.15 12.40
N LEU A 253 -4.53 16.49 11.40
CA LEU A 253 -3.48 17.50 11.52
C LEU A 253 -3.98 18.67 10.65
N TRP A 254 -4.41 19.72 11.31
CA TRP A 254 -5.07 20.78 10.60
C TRP A 254 -4.17 21.39 9.47
N ASP A 255 -4.79 21.62 8.32
CA ASP A 255 -4.21 22.34 7.18
C ASP A 255 -3.11 21.65 6.40
N GLY A 256 -2.70 20.46 6.83
CA GLY A 256 -1.54 19.82 6.20
C GLY A 256 -1.83 19.13 4.87
N TYR A 257 -2.36 19.88 3.92
CA TYR A 257 -2.80 19.34 2.62
C TYR A 257 -1.68 18.75 1.73
N SER A 258 -0.47 19.25 1.86
CA SER A 258 0.65 18.69 1.07
C SER A 258 1.23 17.42 1.72
N GLY A 259 0.83 17.16 2.95
CA GLY A 259 1.22 15.93 3.66
C GLY A 259 2.70 15.61 3.60
N VAL A 260 2.98 14.35 3.25
CA VAL A 260 4.37 13.94 3.23
C VAL A 260 5.09 14.35 1.96
N HIS A 261 4.40 14.99 1.01
CA HIS A 261 5.06 15.34 -0.24
C HIS A 261 6.19 16.36 -0.08
N SER A 262 7.24 16.03 -0.85
CA SER A 262 8.47 16.77 -0.82
C SER A 262 8.20 18.10 -1.40
N ALA A 263 9.08 19.01 -1.04
CA ALA A 263 9.01 20.38 -1.43
C ALA A 263 8.66 20.60 -2.89
N ASP A 264 9.03 19.69 -3.77
CA ASP A 264 8.67 19.85 -5.18
C ASP A 264 7.14 20.01 -5.49
N LEU A 265 6.26 19.45 -4.64
CA LEU A 265 4.80 19.48 -4.85
C LEU A 265 4.03 20.38 -3.86
N VAL A 266 4.73 20.87 -2.85
CA VAL A 266 4.07 21.61 -1.77
C VAL A 266 3.32 22.85 -2.26
N PRO A 267 3.99 23.69 -3.04
CA PRO A 267 3.30 24.90 -3.50
C PRO A 267 2.04 24.61 -4.35
N GLU A 268 2.14 23.69 -5.29
CA GLU A 268 0.99 23.38 -6.12
C GLU A 268 -0.16 22.78 -5.34
N LEU A 269 0.13 21.85 -4.44
CA LEU A 269 -0.91 21.28 -3.61
C LEU A 269 -1.53 22.32 -2.69
N MET A 270 -0.73 23.08 -1.96
CA MET A 270 -1.31 24.05 -1.04
C MET A 270 -2.19 25.06 -1.75
N ALA A 271 -1.86 25.36 -2.99
CA ALA A 271 -2.68 26.22 -3.79
C ALA A 271 -3.99 25.56 -4.18
N PHE A 272 -3.91 24.31 -4.62
CA PHE A 272 -5.10 23.57 -5.10
C PHE A 272 -6.08 23.34 -3.96
N GLY A 273 -5.59 22.84 -2.83
CA GLY A 273 -6.43 22.56 -1.68
C GLY A 273 -7.08 23.81 -1.11
N GLY A 274 -6.29 24.86 -1.03
CA GLY A 274 -6.83 26.07 -0.49
C GLY A 274 -7.87 26.68 -1.40
N ALA A 275 -7.68 26.62 -2.69
CA ALA A 275 -8.71 27.11 -3.64
C ALA A 275 -10.01 26.32 -3.50
N LYS A 276 -9.91 25.00 -3.39
CA LYS A 276 -11.14 24.22 -3.22
C LYS A 276 -11.81 24.50 -1.88
N GLN A 277 -11.01 24.66 -0.82
CA GLN A 277 -11.56 24.93 0.48
C GLN A 277 -12.36 26.22 0.38
N GLU A 278 -11.86 27.19 -0.34
CA GLU A 278 -12.58 28.50 -0.45
C GLU A 278 -14.00 28.27 -1.00
N ARG A 279 -14.13 27.41 -2.00
CA ARG A 279 -15.43 27.08 -2.57
C ARG A 279 -16.27 26.27 -1.60
N LEU A 280 -15.61 25.40 -0.80
CA LEU A 280 -16.38 24.55 0.10
C LEU A 280 -16.92 25.25 1.32
N ASN A 281 -16.29 26.34 1.72
CA ASN A 281 -16.75 27.10 2.87
C ASN A 281 -18.26 27.42 2.78
N LYS A 282 -18.70 27.75 1.57
CA LYS A 282 -20.08 28.17 1.28
C LYS A 282 -21.02 26.98 1.20
N GLU A 283 -20.45 25.79 1.09
CA GLU A 283 -21.25 24.60 0.86
C GLU A 283 -21.37 23.74 2.10
N ILE A 284 -20.30 23.60 2.87
CA ILE A 284 -20.33 22.68 3.98
C ILE A 284 -19.87 23.31 5.24
N GLY A 285 -19.54 24.60 5.12
CA GLY A 285 -19.15 25.32 6.30
C GLY A 285 -17.65 25.32 6.50
N ASP A 286 -17.18 26.32 7.25
CA ASP A 286 -15.75 26.55 7.39
C ASP A 286 -15.04 25.35 8.03
N VAL A 287 -15.59 24.79 9.11
CA VAL A 287 -14.94 23.69 9.81
C VAL A 287 -14.77 22.47 8.88
N ARG A 288 -15.86 22.10 8.19
CA ARG A 288 -15.76 20.94 7.31
C ARG A 288 -14.86 21.22 6.12
N ALA A 289 -14.91 22.45 5.58
CA ALA A 289 -13.99 22.81 4.49
C ALA A 289 -12.54 22.75 4.88
N ARG A 290 -12.25 23.02 6.16
CA ARG A 290 -10.91 22.97 6.63
C ARG A 290 -10.53 21.53 6.84
N ILE A 291 -11.46 20.72 7.33
CA ILE A 291 -11.19 19.24 7.43
C ILE A 291 -10.80 18.67 6.03
N TYR A 292 -11.49 19.06 4.98
CA TYR A 292 -11.19 18.62 3.64
C TYR A 292 -9.69 18.75 3.35
N ARG A 293 -9.10 19.88 3.71
CA ARG A 293 -7.68 20.13 3.38
C ARG A 293 -6.75 19.93 4.56
N SER A 294 -7.19 19.07 5.50
CA SER A 294 -6.43 18.68 6.67
C SER A 294 -6.00 17.22 6.48
N HIS A 295 -4.83 16.90 6.97
CA HIS A 295 -4.26 15.55 6.82
C HIS A 295 -4.91 14.61 7.80
N LEU A 296 -5.55 13.56 7.29
CA LEU A 296 -6.21 12.62 8.14
C LEU A 296 -5.41 11.31 8.02
N ASN A 297 -4.96 10.81 9.15
CA ASN A 297 -4.38 9.47 9.21
C ASN A 297 -5.43 8.55 9.82
N CYS A 298 -5.94 7.64 9.02
CA CYS A 298 -7.11 6.87 9.39
C CYS A 298 -6.96 5.38 9.15
N THR A 299 -7.56 4.60 10.02
CA THR A 299 -7.77 3.20 9.74
C THR A 299 -9.26 2.94 9.74
N VAL A 300 -9.74 2.36 8.66
CA VAL A 300 -11.10 1.85 8.54
C VAL A 300 -10.98 0.40 9.04
N PHE A 301 -11.52 0.12 10.19
CA PHE A 301 -11.37 -1.17 10.85
C PHE A 301 -11.81 -2.27 9.91
N PRO A 302 -11.11 -3.38 9.86
CA PRO A 302 -9.88 -3.66 10.63
C PRO A 302 -8.57 -3.26 9.98
N ASN A 303 -8.45 -3.39 8.68
CA ASN A 303 -7.13 -3.39 8.08
C ASN A 303 -6.92 -2.56 6.83
N ASN A 304 -7.67 -1.44 6.71
CA ASN A 304 -7.53 -0.57 5.60
C ASN A 304 -7.13 0.78 6.19
N SER A 305 -6.05 1.37 5.74
CA SER A 305 -5.59 2.66 6.28
C SER A 305 -5.34 3.65 5.18
N MET A 306 -5.30 4.92 5.53
CA MET A 306 -5.09 5.94 4.54
C MET A 306 -4.54 7.20 5.19
N LEU A 307 -3.87 7.97 4.35
CA LEU A 307 -3.44 9.33 4.72
C LEU A 307 -4.07 10.23 3.69
N THR A 308 -5.13 10.95 4.02
CA THR A 308 -5.69 11.82 3.02
C THR A 308 -4.70 12.94 2.82
N CYS A 309 -4.86 13.64 1.70
CA CYS A 309 -3.99 14.76 1.31
C CYS A 309 -2.63 14.22 0.84
N SER A 310 -1.94 13.45 1.66
CA SER A 310 -0.78 12.72 1.15
C SER A 310 -1.23 11.77 0.02
N GLY A 311 -2.43 11.21 0.12
CA GLY A 311 -2.96 10.36 -0.90
C GLY A 311 -2.49 8.92 -0.79
N VAL A 312 -2.10 8.48 0.38
CA VAL A 312 -1.67 7.08 0.60
C VAL A 312 -2.86 6.23 0.95
N PHE A 313 -3.01 5.05 0.33
CA PHE A 313 -4.12 4.18 0.62
C PHE A 313 -3.54 2.75 0.74
N LYS A 314 -3.75 2.13 1.88
CA LYS A 314 -3.15 0.82 2.23
C LYS A 314 -4.13 -0.23 2.61
N VAL A 315 -3.78 -1.48 2.30
CA VAL A 315 -4.50 -2.63 2.77
C VAL A 315 -3.43 -3.51 3.42
N TRP A 316 -3.66 -3.87 4.69
CA TRP A 316 -2.74 -4.72 5.43
C TRP A 316 -3.32 -6.11 5.38
N ASN A 317 -2.97 -6.84 4.35
CA ASN A 317 -3.52 -8.20 4.12
C ASN A 317 -2.88 -9.26 5.01
N PRO A 318 -3.65 -9.93 5.86
CA PRO A 318 -3.06 -10.86 6.82
C PRO A 318 -2.61 -12.17 6.18
N ILE A 319 -1.42 -12.66 6.53
CA ILE A 319 -0.96 -13.94 6.01
C ILE A 319 -0.86 -14.93 7.18
N ASP A 320 -0.19 -14.53 8.26
CA ASP A 320 -0.12 -15.29 9.52
C ASP A 320 0.23 -14.29 10.60
N ALA A 321 0.42 -14.72 11.83
CA ALA A 321 0.58 -13.75 12.90
C ALA A 321 1.73 -12.81 12.74
N ASN A 322 2.79 -13.23 12.05
CA ASN A 322 3.90 -12.34 11.84
C ASN A 322 4.19 -12.13 10.34
N THR A 323 3.16 -12.21 9.48
CA THR A 323 3.34 -11.92 8.05
C THR A 323 2.14 -11.16 7.54
N THR A 324 2.42 -10.07 6.83
CA THR A 324 1.38 -9.26 6.20
C THR A 324 1.81 -8.84 4.82
N GLU A 325 0.86 -8.83 3.89
CA GLU A 325 1.09 -8.40 2.53
C GLU A 325 0.49 -7.00 2.41
N VAL A 326 1.36 -6.03 2.19
CA VAL A 326 1.02 -4.62 2.15
C VAL A 326 0.69 -4.18 0.72
N TRP A 327 -0.53 -3.71 0.50
CA TRP A 327 -0.90 -3.15 -0.78
C TRP A 327 -0.98 -1.63 -0.66
N THR A 328 -0.34 -0.91 -1.58
CA THR A 328 -0.27 0.55 -1.55
C THR A 328 -0.75 1.12 -2.84
N TYR A 329 -1.84 1.91 -2.72
CA TYR A 329 -2.40 2.64 -3.86
C TYR A 329 -2.25 4.15 -3.60
N ALA A 330 -2.41 4.94 -4.63
CA ALA A 330 -2.50 6.39 -4.43
C ALA A 330 -3.94 6.86 -4.60
N ILE A 331 -4.34 7.83 -3.80
CA ILE A 331 -5.66 8.46 -3.98
C ILE A 331 -5.42 9.85 -4.51
N VAL A 332 -6.22 10.24 -5.50
CA VAL A 332 -6.14 11.57 -6.08
C VAL A 332 -7.55 12.11 -6.25
N GLU A 333 -7.67 13.42 -6.21
CA GLU A 333 -8.97 14.08 -6.46
C GLU A 333 -9.23 14.11 -7.95
N LYS A 334 -10.41 13.66 -8.34
CA LYS A 334 -10.75 13.53 -9.74
C LYS A 334 -10.56 14.81 -10.56
N ASP A 335 -10.81 15.97 -9.95
CA ASP A 335 -10.69 17.21 -10.69
C ASP A 335 -9.31 17.85 -10.69
N MET A 336 -8.31 17.14 -10.16
CA MET A 336 -6.96 17.63 -10.28
C MET A 336 -6.54 17.49 -11.71
N PRO A 337 -5.66 18.37 -12.16
CA PRO A 337 -5.11 18.25 -13.50
C PRO A 337 -4.36 16.91 -13.61
N GLU A 338 -4.45 16.28 -14.79
CA GLU A 338 -3.79 15.01 -15.03
C GLU A 338 -2.34 14.94 -14.65
N ASP A 339 -1.59 15.99 -14.95
CA ASP A 339 -0.16 15.94 -14.72
C ASP A 339 0.12 15.93 -13.24
N LEU A 340 -0.72 16.64 -12.50
CA LEU A 340 -0.65 16.66 -11.06
C LEU A 340 -1.06 15.27 -10.51
N LYS A 341 -2.08 14.64 -11.07
CA LYS A 341 -2.45 13.31 -10.60
C LYS A 341 -1.28 12.30 -10.73
N ARG A 342 -0.58 12.41 -11.84
CA ARG A 342 0.59 11.54 -12.13
C ARG A 342 1.71 11.79 -11.14
N ARG A 343 2.05 13.05 -10.92
CA ARG A 343 3.12 13.36 -10.00
C ARG A 343 2.78 12.97 -8.57
N LEU A 344 1.53 13.16 -8.17
CA LEU A 344 1.10 12.78 -6.81
C LEU A 344 1.17 11.25 -6.59
N ALA A 345 0.71 10.51 -7.59
CA ALA A 345 0.75 9.07 -7.52
C ALA A 345 2.22 8.61 -7.36
N ASP A 346 3.12 9.23 -8.12
CA ASP A 346 4.54 8.79 -8.08
C ASP A 346 5.05 9.14 -6.70
N SER A 347 4.63 10.30 -6.17
CA SER A 347 5.11 10.72 -4.84
C SER A 347 4.58 9.85 -3.70
N VAL A 348 3.35 9.37 -3.83
CA VAL A 348 2.83 8.44 -2.89
C VAL A 348 3.74 7.20 -2.84
N GLN A 349 4.09 6.71 -4.00
CA GLN A 349 4.90 5.46 -4.02
C GLN A 349 6.33 5.78 -3.57
N ARG A 350 6.85 6.95 -3.93
CA ARG A 350 8.19 7.40 -3.49
C ARG A 350 8.35 7.41 -1.96
N THR A 351 7.27 7.78 -1.25
CA THR A 351 7.33 7.92 0.17
C THR A 351 6.83 6.70 0.93
N PHE A 352 5.75 6.12 0.43
CA PHE A 352 5.09 5.02 1.13
C PHE A 352 4.95 3.71 0.37
N GLY A 353 5.48 3.60 -0.85
CA GLY A 353 5.39 2.41 -1.64
C GLY A 353 6.47 1.40 -1.31
N PRO A 354 6.68 0.43 -2.19
CA PRO A 354 7.67 -0.63 -1.93
C PRO A 354 9.06 -0.14 -1.64
N ALA A 355 9.45 0.99 -2.23
CA ALA A 355 10.70 1.67 -1.95
C ALA A 355 10.45 2.99 -1.31
N GLY A 356 9.34 3.09 -0.58
CA GLY A 356 9.02 4.30 0.13
C GLY A 356 9.99 4.61 1.23
N PHE A 357 10.67 5.74 1.14
CA PHE A 357 11.67 6.07 2.16
C PHE A 357 11.00 6.32 3.53
N TRP A 358 9.78 6.84 3.55
CA TRP A 358 9.11 6.94 4.84
C TRP A 358 8.69 5.57 5.40
N GLU A 359 8.01 4.79 4.59
CA GLU A 359 7.50 3.49 5.00
C GLU A 359 8.66 2.61 5.51
N SER A 360 9.83 2.73 4.92
CA SER A 360 10.98 1.95 5.35
C SER A 360 11.38 2.27 6.79
N ASP A 361 11.15 3.51 7.22
CA ASP A 361 11.45 3.90 8.60
C ASP A 361 10.63 3.07 9.58
N ASP A 362 9.42 2.66 9.20
CA ASP A 362 8.53 1.90 10.08
C ASP A 362 8.76 0.40 10.10
N ASN A 363 9.55 -0.09 9.14
CA ASN A 363 9.74 -1.55 9.03
C ASN A 363 10.14 -2.20 10.33
N ASP A 364 11.26 -1.77 10.89
CA ASP A 364 11.75 -2.39 12.12
C ASP A 364 10.79 -2.24 13.27
N ASN A 365 10.15 -1.07 13.38
CA ASN A 365 9.17 -0.85 14.42
C ASN A 365 8.08 -1.92 14.40
N MET A 366 7.46 -2.11 13.24
CA MET A 366 6.36 -3.06 13.13
C MET A 366 6.77 -4.50 13.25
N GLU A 367 7.87 -4.81 12.59
CA GLU A 367 8.33 -6.20 12.58
C GLU A 367 8.75 -6.65 13.98
N THR A 368 9.58 -5.88 14.68
CA THR A 368 10.07 -6.36 16.00
C THR A 368 8.98 -6.33 17.03
N ALA A 369 8.13 -5.30 16.99
CA ALA A 369 7.02 -5.27 17.92
C ALA A 369 6.18 -6.53 17.73
N SER A 370 5.94 -6.92 16.49
CA SER A 370 5.14 -8.08 16.26
C SER A 370 5.85 -9.35 16.66
N GLN A 371 7.09 -9.51 16.26
CA GLN A 371 7.80 -10.74 16.57
C GLN A 371 8.05 -10.93 18.07
N ASN A 372 8.21 -9.81 18.79
CA ASN A 372 8.41 -9.90 20.22
C ASN A 372 7.18 -10.46 20.92
N GLY A 373 6.00 -10.38 20.29
CA GLY A 373 4.80 -10.99 20.85
C GLY A 373 4.81 -12.51 20.92
N LYS A 374 5.77 -13.12 20.24
CA LYS A 374 5.97 -14.56 20.30
C LYS A 374 6.92 -14.99 21.41
N LYS A 375 7.74 -14.08 21.85
CA LYS A 375 8.81 -14.39 22.81
C LYS A 375 8.19 -14.65 24.18
N TYR A 376 8.66 -15.71 24.81
CA TYR A 376 8.05 -16.21 26.03
C TYR A 376 7.81 -15.16 27.13
N GLN A 377 8.82 -14.36 27.41
CA GLN A 377 8.73 -13.43 28.52
C GLN A 377 7.90 -12.21 28.18
N SER A 378 7.51 -12.10 26.93
CA SER A 378 6.75 -10.92 26.48
C SER A 378 5.30 -11.23 26.19
N ARG A 379 4.92 -12.49 26.03
CA ARG A 379 3.54 -12.83 25.69
C ARG A 379 2.48 -12.21 26.59
N ASP A 380 2.73 -12.27 27.89
CA ASP A 380 1.79 -11.79 28.88
C ASP A 380 2.09 -10.36 29.31
N SER A 381 2.98 -9.68 28.60
CA SER A 381 3.29 -8.30 28.93
C SER A 381 2.23 -7.38 28.36
N ASP A 382 2.17 -6.13 28.85
CA ASP A 382 1.11 -5.19 28.43
C ASP A 382 1.66 -4.07 27.57
N LEU A 383 1.17 -3.99 26.33
CA LEU A 383 1.47 -2.89 25.44
C LEU A 383 0.61 -1.72 25.93
N LEU A 384 1.20 -0.55 26.09
CA LEU A 384 0.50 0.61 26.63
C LEU A 384 -0.10 1.55 25.61
N SER A 385 -1.37 1.96 25.88
CA SER A 385 -2.06 2.92 25.02
C SER A 385 -2.85 3.90 25.91
N ASN A 386 -2.18 4.47 26.89
CA ASN A 386 -2.87 5.36 27.83
C ASN A 386 -2.70 6.84 27.60
N LEU A 387 -1.96 7.26 26.59
CA LEU A 387 -1.67 8.70 26.38
C LEU A 387 -3.00 9.41 26.10
N GLY A 388 -3.29 10.44 26.91
CA GLY A 388 -4.53 11.20 26.69
C GLY A 388 -5.76 10.66 27.40
N PHE A 389 -5.62 9.55 28.11
CA PHE A 389 -6.76 8.94 28.77
C PHE A 389 -7.25 9.85 29.89
N GLY A 390 -8.54 10.06 29.94
CA GLY A 390 -9.23 10.89 30.91
C GLY A 390 -9.41 12.32 30.41
N GLU A 391 -9.05 12.60 29.18
CA GLU A 391 -9.26 13.91 28.55
C GLU A 391 -10.06 13.77 27.28
N ASP A 392 -10.52 12.56 26.97
CA ASP A 392 -11.35 12.40 25.77
C ASP A 392 -12.82 12.74 26.03
N VAL A 393 -13.52 13.23 25.02
CA VAL A 393 -14.92 13.55 25.14
C VAL A 393 -15.76 12.82 24.14
N TYR A 394 -17.07 12.84 24.34
CA TYR A 394 -17.97 12.27 23.37
C TYR A 394 -19.09 13.27 23.25
N GLY A 395 -19.67 13.29 22.07
CA GLY A 395 -20.81 14.12 21.80
C GLY A 395 -20.51 15.60 21.70
N ASP A 396 -19.33 15.98 21.24
CA ASP A 396 -18.93 17.37 21.13
C ASP A 396 -19.81 18.08 20.09
N ALA A 397 -20.04 19.38 20.33
CA ALA A 397 -20.89 20.15 19.41
C ALA A 397 -20.35 20.35 18.04
N VAL A 398 -19.02 20.22 17.87
CA VAL A 398 -18.44 20.46 16.59
C VAL A 398 -17.83 19.22 15.96
N TYR A 399 -17.22 18.39 16.78
CA TYR A 399 -16.42 17.24 16.24
C TYR A 399 -17.01 15.96 16.80
N PRO A 400 -17.57 15.08 16.00
CA PRO A 400 -18.22 13.90 16.54
C PRO A 400 -17.33 12.70 16.86
N GLY A 401 -17.84 11.82 17.70
CA GLY A 401 -17.15 10.59 18.05
C GLY A 401 -16.52 10.70 19.39
N VAL A 402 -15.66 9.76 19.77
CA VAL A 402 -14.87 9.93 20.98
C VAL A 402 -13.64 10.67 20.50
N VAL A 403 -13.42 11.86 21.07
CA VAL A 403 -12.48 12.79 20.54
C VAL A 403 -11.49 13.27 21.58
N GLY A 404 -10.20 13.29 21.20
CA GLY A 404 -9.15 13.89 22.01
C GLY A 404 -8.68 15.14 21.30
N LYS A 405 -8.91 16.29 21.94
CA LYS A 405 -8.66 17.54 21.26
C LYS A 405 -7.21 17.93 21.36
N SER A 406 -6.38 17.00 20.90
CA SER A 406 -4.94 17.16 20.85
C SER A 406 -4.46 16.41 19.62
N ALA A 407 -3.45 16.98 18.97
CA ALA A 407 -2.86 16.30 17.83
C ALA A 407 -2.20 14.98 18.09
N ILE A 408 -1.55 14.85 19.24
CA ILE A 408 -0.82 13.62 19.55
C ILE A 408 -1.44 12.91 20.72
N GLY A 409 -1.83 11.63 20.58
CA GLY A 409 -2.35 10.90 21.71
C GLY A 409 -2.66 9.46 21.26
N GLU A 410 -3.33 8.72 22.12
CA GLU A 410 -3.64 7.32 21.86
C GLU A 410 -5.14 7.04 21.89
N THR A 411 -5.95 8.09 21.77
CA THR A 411 -7.40 7.90 21.68
C THR A 411 -7.84 6.85 20.66
N SER A 412 -7.25 6.91 19.48
CA SER A 412 -7.67 6.07 18.39
C SER A 412 -7.22 4.63 18.63
N TYR A 413 -6.12 4.43 19.34
CA TYR A 413 -5.73 3.07 19.68
C TYR A 413 -6.75 2.45 20.61
N ARG A 414 -7.19 3.23 21.60
CA ARG A 414 -8.11 2.69 22.57
C ARG A 414 -9.44 2.26 21.91
N GLY A 415 -9.94 3.04 20.97
CA GLY A 415 -11.16 2.69 20.29
C GLY A 415 -10.99 1.53 19.32
N PHE A 416 -9.82 1.43 18.66
CA PHE A 416 -9.53 0.30 17.77
C PHE A 416 -9.54 -0.96 18.62
N TYR A 417 -8.83 -0.96 19.75
CA TYR A 417 -8.69 -2.16 20.57
C TYR A 417 -9.97 -2.51 21.36
N ARG A 418 -10.87 -1.55 21.72
CA ARG A 418 -12.15 -1.91 22.40
C ARG A 418 -13.11 -2.64 21.44
N ALA A 419 -13.01 -2.25 20.18
CA ALA A 419 -13.76 -2.85 19.11
C ALA A 419 -13.18 -4.26 18.87
N TYR A 420 -11.84 -4.32 18.74
CA TYR A 420 -11.20 -5.63 18.55
C TYR A 420 -11.59 -6.62 19.66
N GLN A 421 -11.48 -6.27 20.97
CA GLN A 421 -11.90 -7.15 22.17
C GLN A 421 -13.31 -7.59 22.03
N ALA A 422 -14.19 -6.66 21.78
CA ALA A 422 -15.58 -6.99 21.63
C ALA A 422 -15.84 -8.00 20.53
N HIS A 423 -15.17 -7.91 19.39
CA HIS A 423 -15.32 -8.89 18.36
C HIS A 423 -14.74 -10.23 18.76
N VAL A 424 -13.49 -10.24 19.20
CA VAL A 424 -12.80 -11.49 19.50
C VAL A 424 -13.55 -12.28 20.57
N SER A 425 -14.28 -11.61 21.44
CA SER A 425 -15.03 -12.27 22.52
C SER A 425 -16.51 -12.53 22.19
N SER A 426 -16.91 -12.22 20.96
CA SER A 426 -18.29 -12.36 20.50
C SER A 426 -18.45 -13.34 19.36
N SER A 427 -19.59 -14.04 19.33
CA SER A 427 -19.85 -15.03 18.31
C SER A 427 -20.58 -14.55 17.09
N ASN A 428 -21.08 -13.32 17.15
CA ASN A 428 -21.85 -12.77 16.06
C ASN A 428 -22.00 -11.29 16.31
N TRP A 429 -22.60 -10.61 15.33
CA TRP A 429 -22.83 -9.20 15.45
C TRP A 429 -23.73 -8.81 16.63
N ALA A 430 -24.77 -9.61 16.91
CA ALA A 430 -25.63 -9.25 18.07
C ALA A 430 -24.88 -9.17 19.38
N GLU A 431 -23.98 -10.14 19.55
CA GLU A 431 -23.13 -10.15 20.75
C GLU A 431 -22.15 -8.97 20.74
N PHE A 432 -21.60 -8.60 19.59
CA PHE A 432 -20.72 -7.42 19.50
C PHE A 432 -21.52 -6.18 19.95
N GLU A 433 -22.74 -6.07 19.46
CA GLU A 433 -23.57 -4.94 19.84
C GLU A 433 -23.80 -4.92 21.34
N HIS A 434 -24.15 -6.06 21.92
CA HIS A 434 -24.35 -6.13 23.37
C HIS A 434 -23.09 -5.76 24.13
N ALA A 435 -21.93 -6.16 23.63
CA ALA A 435 -20.67 -5.83 24.28
C ALA A 435 -20.24 -4.39 24.04
N SER A 436 -20.97 -3.67 23.20
CA SER A 436 -20.55 -2.30 22.81
C SER A 436 -21.59 -1.25 23.17
N SER A 437 -22.57 -1.66 23.97
CA SER A 437 -23.67 -0.73 24.29
C SER A 437 -23.26 0.50 25.11
N THR A 438 -22.08 0.45 25.75
CA THR A 438 -21.56 1.58 26.54
C THR A 438 -20.17 1.91 26.07
N TRP A 439 -19.91 1.76 24.76
CA TRP A 439 -18.59 1.93 24.14
C TRP A 439 -18.01 3.25 24.47
N HIS A 440 -18.76 4.32 24.33
CA HIS A 440 -18.13 5.62 24.51
C HIS A 440 -17.90 5.96 25.97
N THR A 441 -18.77 5.49 26.85
CA THR A 441 -18.58 5.67 28.25
C THR A 441 -17.28 5.00 28.68
N GLU A 442 -17.07 3.80 28.17
CA GLU A 442 -15.85 3.08 28.53
C GLU A 442 -14.61 3.87 28.11
N LEU A 443 -14.67 4.47 26.94
CA LEU A 443 -13.54 5.21 26.42
C LEU A 443 -13.27 6.58 27.06
N THR A 444 -14.29 7.20 27.65
CA THR A 444 -14.10 8.52 28.26
C THR A 444 -13.94 8.48 29.81
N LYS A 445 -13.92 7.30 30.42
CA LYS A 445 -13.72 7.22 31.89
C LYS A 445 -12.64 8.17 32.43
N THR A 446 -12.81 8.54 33.70
CA THR A 446 -12.01 9.50 34.46
C THR A 446 -12.16 10.98 34.01
N THR A 447 -12.92 11.27 32.95
CA THR A 447 -13.07 12.69 32.54
C THR A 447 -14.23 13.38 33.29
N ASP A 448 -14.10 14.55 33.69
N MET B 2 15.54 -9.02 -35.83
CA MET B 2 15.54 -10.39 -36.44
C MET B 2 14.33 -11.20 -35.92
N ILE B 3 13.94 -10.92 -34.68
CA ILE B 3 12.67 -11.35 -34.14
C ILE B 3 11.42 -10.77 -34.78
N ASN B 4 10.53 -11.69 -35.15
CA ASN B 4 9.20 -11.35 -35.62
C ASN B 4 8.24 -11.71 -34.48
N ILE B 5 7.57 -10.72 -33.88
CA ILE B 5 6.75 -10.96 -32.69
C ILE B 5 5.40 -11.58 -33.03
N GLN B 6 5.08 -11.63 -34.31
CA GLN B 6 3.88 -12.31 -34.72
C GLN B 6 4.12 -13.82 -34.56
N GLU B 7 5.34 -14.27 -34.85
CA GLU B 7 5.69 -15.67 -34.72
C GLU B 7 6.11 -16.04 -33.28
N ASP B 8 6.98 -15.19 -32.72
CA ASP B 8 7.52 -15.42 -31.37
C ASP B 8 6.53 -14.73 -30.45
N LYS B 9 5.45 -15.45 -30.20
CA LYS B 9 4.24 -14.93 -29.58
C LYS B 9 4.41 -14.36 -28.17
N LEU B 10 5.43 -14.80 -27.46
CA LEU B 10 5.62 -14.37 -26.05
C LEU B 10 6.45 -13.10 -25.94
N VAL B 11 7.01 -12.64 -27.04
CA VAL B 11 7.96 -11.51 -27.03
C VAL B 11 7.24 -10.18 -27.18
N SER B 12 7.54 -9.24 -26.31
CA SER B 12 6.94 -7.93 -26.39
C SER B 12 7.64 -7.04 -27.40
N ALA B 13 6.91 -6.06 -27.92
CA ALA B 13 7.49 -5.18 -28.91
C ALA B 13 8.70 -4.48 -28.34
N HIS B 14 8.58 -4.06 -27.07
CA HIS B 14 9.68 -3.37 -26.40
C HIS B 14 10.92 -4.27 -26.38
N ASP B 15 10.74 -5.52 -25.98
CA ASP B 15 11.88 -6.40 -25.87
C ASP B 15 12.52 -6.68 -27.22
N ALA B 16 11.70 -6.81 -28.25
CA ALA B 16 12.20 -7.05 -29.61
C ALA B 16 13.02 -5.87 -30.09
N GLU B 17 12.59 -4.67 -29.77
CA GLU B 17 13.31 -3.45 -30.15
C GLU B 17 14.67 -3.38 -29.49
N GLU B 18 14.72 -3.71 -28.20
CA GLU B 18 15.96 -3.64 -27.46
C GLU B 18 16.99 -4.65 -27.94
N ILE B 19 16.55 -5.86 -28.29
CA ILE B 19 17.42 -6.89 -28.83
C ILE B 19 18.14 -6.33 -30.04
N LEU B 20 17.36 -5.74 -30.92
CA LEU B 20 17.88 -5.26 -32.19
C LEU B 20 19.10 -4.36 -32.03
N ARG B 21 19.15 -3.55 -30.98
CA ARG B 21 20.27 -2.63 -30.78
C ARG B 21 21.59 -3.36 -30.62
N PHE B 22 21.55 -4.57 -30.04
CA PHE B 22 22.79 -5.25 -29.68
C PHE B 22 23.29 -6.29 -30.64
N PHE B 23 22.40 -6.80 -31.47
CA PHE B 23 22.81 -7.86 -32.38
C PHE B 23 23.53 -7.33 -33.61
N ASN B 24 23.26 -6.08 -33.95
CA ASN B 24 23.89 -5.45 -35.11
C ASN B 24 25.36 -5.09 -34.87
N CYS B 25 25.63 -3.82 -34.63
CA CYS B 25 26.99 -3.39 -34.47
C CYS B 25 27.59 -3.78 -33.13
N HIS B 26 28.42 -4.81 -33.13
CA HIS B 26 29.07 -5.22 -31.90
C HIS B 26 30.47 -4.62 -31.81
N ASP B 27 30.76 -3.91 -30.72
CA ASP B 27 32.11 -3.38 -30.51
C ASP B 27 32.66 -3.87 -29.19
N SER B 28 33.60 -4.80 -29.25
CA SER B 28 34.20 -5.38 -28.06
C SER B 28 34.78 -4.32 -27.10
N ALA B 29 35.24 -3.20 -27.65
CA ALA B 29 35.81 -2.14 -26.81
C ALA B 29 34.74 -1.44 -25.98
N LEU B 30 33.58 -1.24 -26.58
CA LEU B 30 32.48 -0.59 -25.88
C LEU B 30 32.03 -1.52 -24.76
N GLN B 31 32.10 -2.83 -25.00
CA GLN B 31 31.61 -3.79 -24.02
C GLN B 31 32.51 -3.70 -22.79
N GLN B 32 33.79 -3.56 -23.05
CA GLN B 32 34.77 -3.41 -21.97
C GLN B 32 34.63 -2.12 -21.16
N GLU B 33 34.39 -1.01 -21.82
CA GLU B 33 34.20 0.25 -21.17
C GLU B 33 32.93 0.14 -20.29
N ALA B 34 31.91 -0.49 -20.82
CA ALA B 34 30.64 -0.62 -20.11
C ALA B 34 30.83 -1.48 -18.88
N THR B 35 31.59 -2.56 -19.03
CA THR B 35 31.88 -3.43 -17.89
C THR B 35 32.59 -2.66 -16.76
N THR B 36 33.59 -1.87 -17.13
CA THR B 36 34.27 -1.05 -16.13
C THR B 36 33.34 -0.06 -15.47
N LEU B 37 32.55 0.65 -16.24
CA LEU B 37 31.65 1.65 -15.69
C LEU B 37 30.74 1.00 -14.64
N LEU B 38 30.19 -0.17 -15.00
CA LEU B 38 29.20 -0.77 -14.14
C LEU B 38 29.84 -1.39 -12.94
N THR B 39 31.04 -1.93 -13.10
CA THR B 39 31.73 -2.52 -11.95
C THR B 39 32.13 -1.44 -10.95
N GLN B 40 32.57 -0.30 -11.46
CA GLN B 40 32.93 0.80 -10.58
C GLN B 40 31.69 1.33 -9.83
N GLU B 41 30.60 1.45 -10.57
CA GLU B 41 29.33 1.95 -9.99
C GLU B 41 28.94 1.01 -8.85
N ALA B 42 29.00 -0.29 -9.12
CA ALA B 42 28.53 -1.23 -8.13
C ALA B 42 29.44 -1.25 -6.90
N HIS B 43 30.73 -1.01 -7.06
CA HIS B 43 31.67 -0.94 -5.94
C HIS B 43 31.33 0.26 -5.07
N LEU B 44 31.09 1.41 -5.69
CA LEU B 44 30.77 2.59 -4.93
C LEU B 44 29.48 2.31 -4.11
N LEU B 45 28.47 1.75 -4.76
CA LEU B 45 27.19 1.45 -4.07
C LEU B 45 27.39 0.42 -3.00
N ASP B 46 28.24 -0.57 -3.22
CA ASP B 46 28.39 -1.63 -2.21
C ASP B 46 29.04 -1.13 -0.97
N ILE B 47 29.92 -0.13 -1.08
CA ILE B 47 30.58 0.43 0.10
C ILE B 47 29.79 1.59 0.68
N GLN B 48 28.63 1.86 0.09
CA GLN B 48 27.70 2.86 0.58
C GLN B 48 28.25 4.27 0.41
N ALA B 49 29.04 4.45 -0.64
CA ALA B 49 29.56 5.79 -1.02
C ALA B 49 28.54 6.51 -1.91
N TYR B 50 27.37 6.77 -1.35
CA TYR B 50 26.27 7.26 -2.13
C TYR B 50 26.50 8.66 -2.73
N ARG B 51 27.21 9.50 -2.00
CA ARG B 51 27.54 10.81 -2.53
C ARG B 51 28.47 10.70 -3.71
N ALA B 52 29.48 9.84 -3.56
CA ALA B 52 30.40 9.54 -4.65
C ALA B 52 29.70 8.98 -5.85
N TRP B 53 28.70 8.11 -5.60
CA TRP B 53 27.94 7.57 -6.69
C TRP B 53 27.24 8.69 -7.47
N LEU B 54 26.55 9.56 -6.76
CA LEU B 54 25.86 10.68 -7.43
C LEU B 54 26.85 11.53 -8.21
N GLU B 55 28.00 11.77 -7.63
CA GLU B 55 28.97 12.68 -8.24
C GLU B 55 29.68 12.11 -9.46
N HIS B 56 29.96 10.82 -9.42
CA HIS B 56 30.75 10.20 -10.45
C HIS B 56 29.97 9.39 -11.45
N CYS B 57 28.81 8.90 -11.05
CA CYS B 57 28.10 7.98 -11.90
C CYS B 57 26.77 8.46 -12.44
N VAL B 58 26.18 9.48 -11.84
CA VAL B 58 24.82 9.86 -12.16
C VAL B 58 24.73 11.23 -12.82
N GLY B 59 24.10 11.27 -13.96
CA GLY B 59 24.01 12.53 -14.73
C GLY B 59 22.93 13.45 -14.21
N SER B 60 23.14 14.74 -14.38
CA SER B 60 22.14 15.68 -13.91
C SER B 60 20.75 15.48 -14.51
N GLU B 61 20.62 14.96 -15.74
CA GLU B 61 19.33 14.78 -16.37
C GLU B 61 18.77 13.38 -16.18
N VAL B 62 19.27 12.66 -15.20
CA VAL B 62 18.86 11.28 -15.04
C VAL B 62 17.38 11.06 -14.81
N GLN B 63 16.87 9.95 -15.36
CA GLN B 63 15.61 9.35 -14.97
C GLN B 63 15.97 7.95 -14.46
N TYR B 64 15.71 7.68 -13.18
CA TYR B 64 16.02 6.38 -12.56
C TYR B 64 14.69 5.73 -12.23
N GLN B 65 14.32 4.69 -13.00
CA GLN B 65 12.98 4.19 -12.96
C GLN B 65 12.91 2.68 -12.77
N VAL B 66 12.13 2.27 -11.78
CA VAL B 66 11.88 0.84 -11.52
C VAL B 66 10.37 0.67 -11.44
N ILE B 67 9.81 -0.18 -12.31
CA ILE B 67 8.36 -0.41 -12.35
C ILE B 67 7.96 -1.77 -11.84
N SER B 68 6.71 -1.86 -11.41
CA SER B 68 6.05 -3.11 -11.04
C SER B 68 4.80 -3.19 -11.90
N ARG B 69 4.77 -4.17 -12.78
CA ARG B 69 3.68 -4.35 -13.72
C ARG B 69 2.61 -5.28 -13.16
N GLU B 70 1.35 -4.86 -13.29
CA GLU B 70 0.24 -5.66 -12.83
C GLU B 70 0.10 -6.94 -13.66
N LEU B 71 -0.24 -8.04 -13.03
CA LEU B 71 -0.39 -9.29 -13.74
C LEU B 71 -1.70 -9.27 -14.50
N ARG B 72 -1.60 -9.42 -15.81
CA ARG B 72 -2.74 -9.39 -16.71
C ARG B 72 -2.71 -10.60 -17.58
N ALA B 73 -3.85 -10.93 -18.15
CA ALA B 73 -3.94 -12.12 -18.96
C ALA B 73 -3.12 -11.95 -20.20
N ALA B 74 -2.45 -13.02 -20.65
CA ALA B 74 -1.63 -12.95 -21.84
C ALA B 74 -2.54 -12.54 -23.03
N SER B 75 -3.80 -12.97 -22.96
CA SER B 75 -4.78 -12.69 -24.02
C SER B 75 -5.59 -11.43 -23.79
N GLU B 76 -5.23 -10.63 -22.79
CA GLU B 76 -5.97 -9.39 -22.53
C GLU B 76 -5.83 -8.37 -23.64
N ARG B 77 -6.94 -7.74 -23.96
CA ARG B 77 -7.01 -6.78 -25.06
C ARG B 77 -7.92 -5.59 -24.81
N ARG B 78 -8.82 -5.72 -23.83
CA ARG B 78 -9.79 -4.65 -23.58
C ARG B 78 -9.46 -3.75 -22.41
N TYR B 79 -9.00 -4.33 -21.31
CA TYR B 79 -8.69 -3.54 -20.09
C TYR B 79 -7.47 -2.66 -20.32
N LYS B 80 -7.65 -1.34 -20.27
CA LYS B 80 -6.60 -0.41 -20.69
C LYS B 80 -6.04 0.53 -19.61
N LEU B 81 -6.33 0.25 -18.34
CA LEU B 81 -5.91 1.14 -17.27
C LEU B 81 -4.44 0.96 -16.96
N ASN B 82 -3.88 1.91 -16.21
CA ASN B 82 -2.46 1.95 -15.86
C ASN B 82 -1.90 0.57 -15.66
N GLU B 83 -0.94 0.21 -16.50
CA GLU B 83 -0.32 -1.11 -16.51
C GLU B 83 0.68 -1.36 -15.40
N ALA B 84 1.30 -0.29 -14.95
CA ALA B 84 2.38 -0.41 -13.96
C ALA B 84 2.41 0.76 -12.99
N MET B 85 3.06 0.55 -11.88
CA MET B 85 3.37 1.60 -10.92
C MET B 85 4.88 1.78 -10.87
N ASN B 86 5.28 2.97 -10.41
CA ASN B 86 6.67 3.32 -10.25
C ASN B 86 7.14 3.10 -8.82
N VAL B 87 7.94 2.05 -8.62
CA VAL B 87 8.63 1.86 -7.37
C VAL B 87 9.66 3.01 -7.19
N TYR B 88 10.37 3.30 -8.27
CA TYR B 88 11.25 4.46 -8.40
C TYR B 88 10.90 5.15 -9.71
N ASN B 89 10.91 6.48 -9.71
CA ASN B 89 10.85 7.24 -10.96
C ASN B 89 11.47 8.59 -10.60
N GLU B 90 12.78 8.57 -10.41
CA GLU B 90 13.52 9.65 -9.80
C GLU B 90 14.33 10.51 -10.72
N ASN B 91 14.24 11.82 -10.48
CA ASN B 91 15.21 12.72 -11.07
C ASN B 91 16.43 12.87 -10.13
N PHE B 92 17.41 13.68 -10.52
CA PHE B 92 18.63 13.84 -9.73
C PHE B 92 18.31 14.35 -8.32
N GLN B 93 17.45 15.36 -8.21
CA GLN B 93 17.12 15.89 -6.91
C GLN B 93 16.47 14.86 -6.00
N GLN B 94 15.63 14.01 -6.58
CA GLN B 94 14.93 12.95 -5.83
C GLN B 94 15.91 11.88 -5.39
N LEU B 95 16.87 11.54 -6.25
CA LEU B 95 17.94 10.66 -5.83
C LEU B 95 18.75 11.27 -4.70
N LYS B 96 19.05 12.57 -4.82
CA LYS B 96 19.78 13.24 -3.75
C LYS B 96 19.04 13.17 -2.41
N VAL B 97 17.72 13.34 -2.44
CA VAL B 97 16.92 13.23 -1.22
C VAL B 97 17.11 11.81 -0.63
N ARG B 98 17.07 10.81 -1.49
CA ARG B 98 17.21 9.44 -0.98
C ARG B 98 18.59 9.20 -0.39
N VAL B 99 19.59 9.84 -0.99
CA VAL B 99 20.94 9.70 -0.51
C VAL B 99 21.09 10.39 0.84
N GLU B 100 20.49 11.57 0.99
CA GLU B 100 20.53 12.26 2.29
C GLU B 100 19.83 11.45 3.37
N HIS B 101 18.76 10.77 3.01
CA HIS B 101 18.03 9.94 3.92
C HIS B 101 18.91 8.77 4.38
N GLN B 102 19.65 8.18 3.44
CA GLN B 102 20.59 7.13 3.82
C GLN B 102 21.67 7.58 4.75
N LEU B 103 22.14 8.80 4.56
CA LEU B 103 23.29 9.31 5.33
C LEU B 103 22.97 9.98 6.65
N ASP B 104 21.68 10.22 6.91
CA ASP B 104 21.28 10.99 8.11
C ASP B 104 21.59 10.15 9.31
N PRO B 105 22.21 10.66 10.36
CA PRO B 105 22.52 9.81 11.51
C PRO B 105 21.31 9.47 12.35
N GLN B 106 20.12 10.00 12.03
CA GLN B 106 18.92 9.53 12.68
C GLN B 106 18.16 8.52 11.83
N ASN B 107 18.82 7.97 10.81
CA ASN B 107 18.22 6.89 10.07
C ASN B 107 18.51 5.67 10.91
N TRP B 108 17.57 5.32 11.77
CA TRP B 108 17.81 4.30 12.77
C TRP B 108 18.02 2.93 12.14
N GLY B 109 17.46 2.71 10.97
CA GLY B 109 17.53 1.40 10.35
C GLY B 109 18.91 1.12 9.78
N ASN B 110 19.75 2.14 9.69
CA ASN B 110 21.13 1.97 9.24
C ASN B 110 22.15 1.70 10.33
N SER B 111 21.68 1.40 11.53
CA SER B 111 22.58 1.04 12.64
C SER B 111 22.04 -0.20 13.27
N PRO B 112 22.78 -1.29 13.26
CA PRO B 112 24.15 -1.40 12.71
C PRO B 112 24.20 -1.29 11.20
N LYS B 113 25.38 -0.96 10.67
CA LYS B 113 25.55 -0.78 9.22
C LYS B 113 25.15 -2.01 8.39
N LEU B 114 24.43 -1.71 7.34
CA LEU B 114 23.96 -2.69 6.37
C LEU B 114 25.16 -3.21 5.61
N ARG B 115 25.00 -4.39 4.98
CA ARG B 115 26.03 -4.95 4.18
C ARG B 115 25.42 -5.25 2.79
N PHE B 116 26.03 -4.72 1.75
CA PHE B 116 25.61 -4.91 0.35
C PHE B 116 26.69 -5.58 -0.47
N THR B 117 26.28 -6.47 -1.37
CA THR B 117 27.16 -7.15 -2.30
C THR B 117 26.37 -7.24 -3.60
N ARG B 118 26.91 -6.67 -4.66
CA ARG B 118 26.28 -6.65 -5.98
C ARG B 118 27.02 -7.51 -7.01
N PHE B 119 26.30 -8.22 -7.82
CA PHE B 119 26.91 -9.06 -8.84
C PHE B 119 26.33 -8.61 -10.19
N ILE B 120 27.18 -8.08 -11.06
CA ILE B 120 26.74 -7.54 -12.34
C ILE B 120 27.18 -8.48 -13.44
N THR B 121 26.24 -8.91 -14.30
CA THR B 121 26.58 -9.84 -15.35
C THR B 121 25.91 -9.49 -16.66
N ASN B 122 26.23 -10.25 -17.70
CA ASN B 122 25.54 -10.15 -18.98
C ASN B 122 25.57 -8.72 -19.58
N VAL B 123 26.71 -8.07 -19.47
CA VAL B 123 26.84 -6.69 -19.97
C VAL B 123 26.82 -6.66 -21.51
N GLN B 124 26.01 -5.78 -22.06
CA GLN B 124 25.97 -5.50 -23.49
C GLN B 124 25.99 -4.01 -23.67
N ALA B 125 26.65 -3.57 -24.72
CA ALA B 125 26.74 -2.13 -24.96
C ALA B 125 26.61 -1.80 -26.45
N ALA B 126 25.87 -0.76 -26.75
CA ALA B 126 25.79 -0.30 -28.14
C ALA B 126 25.53 1.20 -28.19
N MET B 127 26.21 1.87 -29.13
CA MET B 127 25.96 3.28 -29.30
C MET B 127 24.61 3.48 -29.96
N ASP B 128 23.92 4.54 -29.59
CA ASP B 128 22.65 4.89 -30.20
C ASP B 128 22.88 5.27 -31.66
N VAL B 129 21.93 4.87 -32.52
CA VAL B 129 21.96 5.11 -33.97
C VAL B 129 21.78 6.57 -34.31
N ASN B 130 20.92 7.26 -33.56
CA ASN B 130 20.62 8.67 -33.82
C ASN B 130 21.50 9.65 -33.06
N ASP B 131 21.81 9.36 -31.79
CA ASP B 131 22.63 10.26 -30.97
C ASP B 131 23.98 9.60 -30.65
N LYS B 132 25.02 10.00 -31.39
CA LYS B 132 26.36 9.42 -31.34
C LYS B 132 27.05 9.49 -29.99
N GLU B 133 26.46 10.23 -29.07
CA GLU B 133 27.02 10.40 -27.77
C GLU B 133 26.26 9.59 -26.70
N LEU B 134 25.26 8.86 -27.12
CA LEU B 134 24.41 8.14 -26.18
C LEU B 134 24.78 6.67 -26.22
N LEU B 135 25.23 6.13 -25.09
CA LEU B 135 25.54 4.71 -25.02
C LEU B 135 24.43 3.92 -24.32
N HIS B 136 23.89 2.89 -24.99
CA HIS B 136 22.93 1.97 -24.40
C HIS B 136 23.72 0.86 -23.75
N ILE B 137 23.43 0.58 -22.48
CA ILE B 137 24.09 -0.50 -21.80
C ILE B 137 22.99 -1.36 -21.19
N ARG B 138 23.08 -2.67 -21.39
CA ARG B 138 22.16 -3.61 -20.70
C ARG B 138 23.00 -4.47 -19.76
N SER B 139 22.51 -4.75 -18.55
CA SER B 139 23.22 -5.65 -17.62
C SER B 139 22.19 -6.24 -16.65
N ASN B 140 22.55 -7.34 -16.00
CA ASN B 140 21.70 -7.97 -15.03
C ASN B 140 22.41 -7.85 -13.66
N VAL B 141 21.63 -7.69 -12.61
CA VAL B 141 22.17 -7.57 -11.27
C VAL B 141 21.51 -8.54 -10.27
N ILE B 142 22.38 -9.13 -9.44
CA ILE B 142 21.95 -9.79 -8.21
C ILE B 142 22.43 -8.89 -7.10
N LEU B 143 21.53 -8.52 -6.21
CA LEU B 143 21.93 -7.65 -5.13
C LEU B 143 21.57 -8.34 -3.83
N HIS B 144 22.57 -8.52 -3.01
CA HIS B 144 22.46 -9.14 -1.73
C HIS B 144 22.60 -8.10 -0.62
N ARG B 145 21.58 -8.05 0.23
CA ARG B 145 21.48 -7.10 1.35
C ARG B 145 21.38 -7.91 2.67
N ALA B 146 22.29 -7.69 3.62
CA ALA B 146 22.28 -8.44 4.89
C ALA B 146 22.28 -7.48 6.03
N ARG B 147 21.35 -7.62 6.98
CA ARG B 147 21.33 -6.70 8.13
C ARG B 147 20.80 -7.39 9.39
N ARG B 148 21.17 -6.82 10.54
CA ARG B 148 20.56 -7.21 11.81
C ARG B 148 20.68 -8.69 12.12
N GLY B 149 21.80 -9.28 11.76
CA GLY B 149 22.13 -10.64 12.14
C GLY B 149 21.62 -11.70 11.21
N ASN B 150 20.32 -11.71 11.02
CA ASN B 150 19.73 -12.77 10.27
C ASN B 150 18.72 -12.35 9.20
N GLN B 151 18.74 -11.09 8.82
CA GLN B 151 17.93 -10.66 7.68
C GLN B 151 18.75 -10.71 6.42
N VAL B 152 18.26 -11.39 5.39
CA VAL B 152 18.98 -11.49 4.14
C VAL B 152 17.96 -11.33 3.00
N ASP B 153 18.20 -10.37 2.15
CA ASP B 153 17.29 -10.13 1.02
C ASP B 153 18.10 -10.15 -0.25
N VAL B 154 17.60 -10.86 -1.26
CA VAL B 154 18.31 -10.97 -2.55
C VAL B 154 17.37 -10.49 -3.68
N PHE B 155 17.84 -9.54 -4.43
CA PHE B 155 17.16 -8.93 -5.53
C PHE B 155 17.77 -9.33 -6.88
N TYR B 156 16.91 -9.49 -7.89
CA TYR B 156 17.33 -9.93 -9.22
C TYR B 156 16.69 -9.09 -10.25
N ALA B 157 17.42 -8.51 -11.16
CA ALA B 157 16.82 -7.66 -12.19
C ALA B 157 17.70 -7.45 -13.43
N ALA B 158 17.05 -7.12 -14.54
CA ALA B 158 17.75 -6.72 -15.75
C ALA B 158 17.62 -5.19 -15.80
N ARG B 159 18.70 -4.52 -16.20
CA ARG B 159 18.71 -3.08 -16.24
C ARG B 159 18.95 -2.57 -17.65
N GLU B 160 18.09 -1.67 -18.11
CA GLU B 160 18.23 -1.05 -19.41
C GLU B 160 18.67 0.40 -19.21
N ASP B 161 19.92 0.69 -19.49
CA ASP B 161 20.49 2.00 -19.20
C ASP B 161 20.85 2.79 -20.46
N LYS B 162 20.90 4.10 -20.25
CA LYS B 162 21.52 5.06 -21.20
C LYS B 162 22.54 5.85 -20.40
N TRP B 163 23.75 5.92 -20.95
CA TRP B 163 24.88 6.60 -20.35
C TRP B 163 25.41 7.63 -21.37
N LYS B 164 25.75 8.78 -20.88
CA LYS B 164 26.27 9.85 -21.74
C LYS B 164 27.42 10.60 -21.08
N ARG B 165 28.42 11.02 -21.86
CA ARG B 165 29.51 11.82 -21.28
C ARG B 165 29.06 13.21 -20.85
N GLY B 166 29.41 13.54 -19.61
CA GLY B 166 29.03 14.79 -18.99
C GLY B 166 30.24 15.60 -18.57
N GLU B 167 30.21 16.10 -17.33
CA GLU B 167 31.26 17.00 -16.84
C GLU B 167 32.59 16.26 -16.76
N GLY B 168 33.63 16.89 -17.33
CA GLY B 168 34.94 16.28 -17.33
C GLY B 168 35.11 15.12 -18.32
N GLY B 169 34.14 14.95 -19.20
CA GLY B 169 34.14 13.84 -20.14
C GLY B 169 33.80 12.49 -19.50
N VAL B 170 33.29 12.49 -18.27
CA VAL B 170 32.99 11.24 -17.59
C VAL B 170 31.62 10.72 -18.07
N ARG B 171 31.52 9.45 -18.46
CA ARG B 171 30.25 8.84 -18.87
C ARG B 171 29.40 8.67 -17.61
N LYS B 172 28.17 9.16 -17.62
CA LYS B 172 27.26 9.13 -16.47
C LYS B 172 25.88 8.62 -16.86
N LEU B 173 25.20 8.02 -15.90
CA LEU B 173 23.91 7.45 -16.14
C LEU B 173 22.87 8.52 -16.38
N VAL B 174 22.18 8.47 -17.52
CA VAL B 174 21.10 9.38 -17.83
C VAL B 174 19.72 8.74 -17.80
N GLN B 175 19.66 7.42 -17.86
CA GLN B 175 18.40 6.73 -17.72
C GLN B 175 18.68 5.30 -17.29
N ARG B 176 17.96 4.86 -16.27
CA ARG B 176 17.95 3.44 -15.93
C ARG B 176 16.50 3.04 -15.89
N PHE B 177 16.19 1.92 -16.52
CA PHE B 177 14.86 1.33 -16.51
C PHE B 177 14.98 -0.12 -16.11
N VAL B 178 14.19 -0.46 -15.09
CA VAL B 178 14.05 -1.82 -14.61
C VAL B 178 12.56 -2.16 -14.53
N ASP B 179 12.19 -3.29 -15.10
CA ASP B 179 10.84 -3.85 -14.95
C ASP B 179 11.02 -4.97 -13.92
N TYR B 180 10.65 -4.74 -12.66
CA TYR B 180 11.08 -5.65 -11.60
C TYR B 180 10.36 -6.94 -11.79
N PRO B 181 11.05 -8.06 -11.75
CA PRO B 181 10.37 -9.29 -12.11
C PRO B 181 9.47 -9.86 -11.07
N GLU B 182 9.58 -9.54 -9.81
CA GLU B 182 8.69 -10.17 -8.85
C GLU B 182 7.58 -9.17 -8.58
N ARG B 183 6.35 -9.62 -8.70
CA ARG B 183 5.19 -8.73 -8.50
C ARG B 183 5.02 -8.42 -7.05
N ILE B 184 5.04 -9.44 -6.19
CA ILE B 184 4.87 -9.22 -4.75
C ILE B 184 6.27 -9.34 -4.14
N LEU B 185 6.83 -8.30 -3.57
CA LEU B 185 8.19 -8.38 -3.08
C LEU B 185 8.23 -9.20 -1.81
N GLN B 186 9.22 -10.08 -1.70
CA GLN B 186 9.41 -10.88 -0.47
C GLN B 186 10.74 -10.49 0.21
N THR B 187 11.14 -9.23 0.11
CA THR B 187 12.39 -8.70 0.61
C THR B 187 12.19 -7.55 1.60
N HIS B 188 10.99 -7.44 2.19
CA HIS B 188 10.60 -6.42 3.16
C HIS B 188 10.33 -5.04 2.52
N ASN B 189 11.16 -4.67 1.57
CA ASN B 189 11.01 -3.41 0.85
C ASN B 189 11.93 -3.53 -0.37
N LEU B 190 11.86 -2.56 -1.27
CA LEU B 190 12.78 -2.42 -2.39
C LEU B 190 13.74 -1.23 -2.22
N MET B 191 14.12 -0.95 -0.97
CA MET B 191 14.93 0.24 -0.63
C MET B 191 16.41 0.07 -0.94
N VAL B 192 16.70 -0.30 -2.17
CA VAL B 192 18.07 -0.52 -2.64
C VAL B 192 18.19 0.13 -4.03
N PHE B 193 19.38 0.58 -4.38
CA PHE B 193 19.57 1.06 -5.71
C PHE B 193 20.02 -0.07 -6.59
N LEU B 194 19.13 -0.50 -7.47
CA LEU B 194 19.46 -1.50 -8.44
C LEU B 194 20.25 -0.79 -9.54
C1 EDO C . -12.13 -14.13 6.18
O1 EDO C . -12.95 -14.98 5.38
C2 EDO C . -10.89 -14.85 6.68
O2 EDO C . -9.97 -15.16 5.63
C1 EDO D . 5.33 -5.16 25.88
O1 EDO D . 6.07 -6.35 26.01
C2 EDO D . 5.66 -4.04 26.83
O2 EDO D . 5.94 -4.39 28.17
C1 NPY E . 1.86 8.19 9.61
C2 NPY E . 1.14 7.43 10.55
C3 NPY E . 0.31 8.02 11.51
C4 NPY E . 0.18 9.41 11.56
C4A NPY E . 0.85 10.19 10.64
C5 NPY E . 0.69 11.59 10.65
C6 NPY E . 1.38 12.35 9.72
C7 NPY E . 2.24 11.76 8.78
C8 NPY E . 2.41 10.39 8.71
C8A NPY E . 1.72 9.57 9.62
S SO4 F . -29.48 -26.31 -14.49
O1 SO4 F . -28.29 -27.11 -14.75
O2 SO4 F . -29.38 -26.02 -13.07
O3 SO4 F . -29.48 -25.08 -15.27
O4 SO4 F . -30.65 -27.25 -14.60
FE1 FES G . -12.54 -28.93 -12.26
FE2 FES G . -12.37 -26.27 -11.97
S1 FES G . -13.30 -27.37 -13.67
S2 FES G . -11.44 -27.81 -10.65
FE FE H . 5.41 5.89 10.40
C1 EDO I . 18.26 3.43 -1.99
O1 EDO I . 16.89 3.02 -1.78
C2 EDO I . 19.09 3.32 -0.71
O2 EDO I . 19.49 1.99 -0.44
C1 EDO J . 8.51 15.47 -11.42
O1 EDO J . 8.90 14.74 -10.26
C2 EDO J . 9.60 15.94 -12.39
O2 EDO J . 10.63 15.02 -12.70
C1 EDO K . 14.44 -3.76 -18.63
O1 EDO K . 13.65 -4.74 -19.30
C2 EDO K . 14.62 -4.00 -17.14
O2 EDO K . 13.80 -5.06 -16.65
C1 EDO L . -11.41 0.53 -18.01
O1 EDO L . -12.34 -0.40 -18.52
C2 EDO L . -10.46 0.92 -19.12
O2 EDO L . -10.29 -0.23 -19.92
S SO4 M . 7.58 7.13 -18.62
O1 SO4 M . 7.18 6.02 -17.72
O2 SO4 M . 8.38 8.12 -17.90
O3 SO4 M . 8.37 6.57 -19.73
O4 SO4 M . 6.40 7.77 -19.19
S SO4 N . 26.73 16.10 -15.45
O1 SO4 N . 28.10 15.59 -15.31
O2 SO4 N . 26.31 16.53 -14.12
O3 SO4 N . 26.71 17.23 -16.37
O4 SO4 N . 25.76 15.18 -15.99
#